data_5FXP
#
_entry.id   5FXP
#
_cell.length_a   57.920
_cell.length_b   97.450
_cell.length_c   180.210
_cell.angle_alpha   90.00
_cell.angle_beta   90.00
_cell.angle_gamma   90.00
#
_symmetry.space_group_name_H-M   'P 21 21 21'
#
loop_
_entity.id
_entity.type
_entity.pdbx_description
1 polymer 'EUGENOL OXIDASE'
2 non-polymer 'FLAVIN-ADENINE DINUCLEOTIDE'
3 non-polymer 4-hydroxy-3-methoxybenzaldehyde
4 non-polymer GLYCEROL
5 water water
#
_entity_poly.entity_id   1
_entity_poly.type   'polypeptide(L)'
_entity_poly.pdbx_seq_one_letter_code
;MTRTLPPGVSDERFDAALQRFRDVVGDKWVLSTADELEAFRDPYPVGAAEANLPSAVVSPESTEQVQDIVRIANEYGIPL
SPVSTGKNNGYGGAAPRLSGSVIVKTGERMNRILEVNEKYGYALLEPGVTYFDLYEYLQSHDSGLMLDCPDLGWGSVVGN
TLDRGVGYTPYGDHFMWQTGLEVVLPQGEVMRTGMGALPGSDAWQLFPYGFGPFPDGMFTQSNLGIVTKMGIALMQRPPA
SQSFLITFDKEEDLEQIVDIMLPLRINMAPLQNVPVLRNIFMDAAAVSKRTEWFDGDGPMPAEAIERMKKDLDLGFWNFY
GTLYGPPPLIEMYYGMIKEAFGKIPGARFFTHEERDDRGGHVLQDRHKINNGIPSLDELQLLDWVPNGGHIGFSPVSAPD
GREAMKQFEMVRNRANEYNKDYAAQFIIGLREMHHVCLFIYDTAIPEAREEILQMTKVLVREAAEAGYGEYRTHNALMDD
VMATFNWGDGALLKFHEKIKDALDPNGIIAPGKSGIWSQRFRGQNL
;
_entity_poly.pdbx_strand_id   A,B
#
loop_
_chem_comp.id
_chem_comp.type
_chem_comp.name
_chem_comp.formula
FAD non-polymer 'FLAVIN-ADENINE DINUCLEOTIDE' 'C27 H33 N9 O15 P2'
GOL non-polymer GLYCEROL 'C3 H8 O3'
V55 non-polymer 4-hydroxy-3-methoxybenzaldehyde 'C8 H8 O3'
#
# COMPACT_ATOMS: atom_id res chain seq x y z
N THR A 2 44.27 -7.73 3.84
CA THR A 2 44.07 -8.78 2.80
C THR A 2 42.96 -8.42 1.81
N ARG A 3 42.97 -9.09 0.66
CA ARG A 3 41.99 -8.84 -0.38
C ARG A 3 40.64 -9.39 0.07
N THR A 4 39.62 -8.52 0.05
CA THR A 4 38.27 -8.95 0.33
C THR A 4 37.77 -9.76 -0.85
N LEU A 5 37.46 -11.04 -0.62
CA LEU A 5 36.89 -11.91 -1.65
C LEU A 5 35.50 -12.34 -1.19
N PRO A 6 34.62 -12.76 -2.12
CA PRO A 6 33.28 -13.25 -1.72
C PRO A 6 33.28 -14.67 -1.16
N PRO A 7 32.34 -15.00 -0.26
CA PRO A 7 32.29 -16.31 0.41
C PRO A 7 32.45 -17.52 -0.51
N GLY A 8 33.50 -18.30 -0.24
CA GLY A 8 33.80 -19.50 -0.98
C GLY A 8 34.32 -19.29 -2.40
N VAL A 9 34.70 -18.05 -2.77
CA VAL A 9 35.17 -17.76 -4.13
C VAL A 9 36.66 -17.44 -4.05
N SER A 10 37.44 -18.11 -4.88
CA SER A 10 38.89 -17.99 -4.85
C SER A 10 39.26 -16.73 -5.59
N ASP A 11 40.52 -16.35 -5.46
CA ASP A 11 41.10 -15.25 -6.24
C ASP A 11 40.94 -15.49 -7.75
N GLU A 12 41.14 -16.73 -8.19
CA GLU A 12 41.18 -17.06 -9.63
C GLU A 12 39.79 -16.94 -10.23
N ARG A 13 38.81 -17.55 -9.57
CA ARG A 13 37.43 -17.42 -10.03
C ARG A 13 36.87 -16.01 -9.87
N PHE A 14 37.37 -15.24 -8.90
CA PHE A 14 36.91 -13.86 -8.72
C PHE A 14 37.43 -12.90 -9.81
N ASP A 15 38.69 -13.10 -10.24
CA ASP A 15 39.29 -12.33 -11.33
C ASP A 15 38.63 -12.65 -12.68
N ALA A 16 38.14 -13.87 -12.83
CA ALA A 16 37.33 -14.23 -14.00
C ALA A 16 36.02 -13.45 -13.99
N ALA A 17 35.40 -13.38 -12.81
CA ALA A 17 34.12 -12.73 -12.59
C ALA A 17 34.17 -11.24 -12.86
N LEU A 18 35.21 -10.55 -12.38
CA LEU A 18 35.42 -9.11 -12.68
C LEU A 18 35.59 -8.81 -14.18
N GLN A 19 36.40 -9.62 -14.84
CA GLN A 19 36.63 -9.52 -16.27
C GLN A 19 35.33 -9.57 -17.06
N ARG A 20 34.43 -10.46 -16.65
CA ARG A 20 33.11 -10.57 -17.28
C ARG A 20 32.21 -9.36 -16.97
N PHE A 21 32.32 -8.80 -15.76
CA PHE A 21 31.59 -7.56 -15.42
C PHE A 21 32.05 -6.43 -16.30
N ARG A 22 33.37 -6.32 -16.44
CA ARG A 22 34.00 -5.33 -17.33
C ARG A 22 33.56 -5.52 -18.79
N ASP A 23 33.43 -6.76 -19.24
CA ASP A 23 32.88 -7.01 -20.59
C ASP A 23 31.51 -6.34 -20.74
N VAL A 24 30.68 -6.44 -19.71
CA VAL A 24 29.32 -5.92 -19.72
C VAL A 24 29.32 -4.40 -19.61
N VAL A 25 30.04 -3.86 -18.64
CA VAL A 25 29.91 -2.41 -18.34
C VAL A 25 31.04 -1.49 -18.83
N GLY A 26 32.17 -2.06 -19.21
CA GLY A 26 33.39 -1.31 -19.51
C GLY A 26 34.32 -1.26 -18.30
N ASP A 27 35.62 -1.12 -18.57
CA ASP A 27 36.63 -1.29 -17.51
C ASP A 27 36.68 -0.14 -16.48
N LYS A 28 36.23 1.05 -16.87
CA LYS A 28 36.20 2.21 -15.96
C LYS A 28 35.14 2.07 -14.88
N TRP A 29 34.12 1.26 -15.14
CA TRP A 29 32.96 1.14 -14.28
C TRP A 29 32.92 -0.11 -13.41
N VAL A 30 34.09 -0.68 -13.14
CA VAL A 30 34.25 -1.74 -12.18
C VAL A 30 35.39 -1.24 -11.31
N LEU A 31 35.17 -1.22 -10.00
CA LEU A 31 36.14 -0.74 -9.04
C LEU A 31 36.50 -1.93 -8.21
N SER A 32 37.80 -2.14 -7.96
CA SER A 32 38.28 -3.38 -7.32
C SER A 32 39.52 -3.29 -6.41
N THR A 33 40.04 -2.11 -6.15
CA THR A 33 41.27 -1.97 -5.37
C THR A 33 40.89 -1.45 -4.00
N ALA A 34 41.63 -1.85 -2.98
CA ALA A 34 41.44 -1.34 -1.62
C ALA A 34 41.25 0.19 -1.56
N ASP A 35 42.04 0.92 -2.37
CA ASP A 35 41.95 2.39 -2.43
C ASP A 35 40.58 2.78 -2.94
N GLU A 36 40.25 2.37 -4.17
CA GLU A 36 38.95 2.65 -4.80
C GLU A 36 37.71 2.27 -3.92
N LEU A 37 37.83 1.17 -3.17
CA LEU A 37 36.75 0.67 -2.35
C LEU A 37 36.57 1.36 -1.02
N GLU A 38 37.60 2.05 -0.50
CA GLU A 38 37.49 2.78 0.77
C GLU A 38 36.31 3.78 0.79
N ALA A 39 36.00 4.38 -0.37
CA ALA A 39 34.83 5.26 -0.50
C ALA A 39 33.48 4.56 -0.27
N PHE A 40 33.43 3.22 -0.37
CA PHE A 40 32.19 2.45 -0.20
C PHE A 40 32.06 1.70 1.15
N ARG A 41 32.98 1.97 2.07
CA ARG A 41 32.83 1.56 3.46
C ARG A 41 31.69 2.37 4.06
N ASP A 42 31.03 1.78 5.04
CA ASP A 42 30.11 2.48 5.91
C ASP A 42 30.82 3.77 6.41
N PRO A 43 30.32 4.97 6.06
CA PRO A 43 30.98 6.15 6.64
C PRO A 43 30.89 6.25 8.17
N TYR A 44 29.85 5.65 8.77
CA TYR A 44 29.62 5.66 10.22
C TYR A 44 29.68 4.25 10.74
N PRO A 45 30.89 3.68 10.86
CA PRO A 45 31.01 2.29 11.25
C PRO A 45 30.55 1.97 12.68
N VAL A 46 30.11 0.74 12.87
CA VAL A 46 29.49 0.30 14.11
C VAL A 46 30.27 -0.94 14.50
N GLY A 47 30.47 -1.12 15.79
CA GLY A 47 31.32 -2.19 16.28
C GLY A 47 32.78 -1.89 16.08
N ALA A 48 33.63 -2.54 16.87
CA ALA A 48 35.08 -2.29 16.82
C ALA A 48 35.69 -3.06 15.65
N ALA A 49 35.33 -4.33 15.53
CA ALA A 49 35.82 -5.19 14.44
C ALA A 49 35.31 -4.74 13.08
N GLU A 50 36.18 -4.72 12.09
CA GLU A 50 35.75 -4.35 10.73
C GLU A 50 34.69 -5.31 10.19
N ALA A 51 33.69 -4.74 9.52
CA ALA A 51 32.66 -5.55 8.85
C ALA A 51 32.10 -4.85 7.58
N ASN A 52 31.24 -5.56 6.85
CA ASN A 52 30.50 -5.00 5.70
C ASN A 52 31.44 -4.49 4.59
N LEU A 53 32.45 -5.28 4.25
CA LEU A 53 33.47 -4.86 3.30
C LEU A 53 33.06 -5.39 1.93
N PRO A 54 32.86 -4.49 0.95
CA PRO A 54 32.62 -4.95 -0.41
C PRO A 54 33.88 -5.51 -1.08
N SER A 55 33.73 -6.35 -2.09
CA SER A 55 34.85 -6.87 -2.89
C SER A 55 35.01 -6.14 -4.23
N ALA A 56 33.95 -5.50 -4.70
CA ALA A 56 33.97 -4.69 -5.93
C ALA A 56 32.72 -3.81 -6.04
N VAL A 57 32.78 -2.84 -6.93
CA VAL A 57 31.63 -2.00 -7.24
C VAL A 57 31.48 -2.03 -8.74
N VAL A 58 30.26 -2.23 -9.20
CA VAL A 58 29.96 -2.33 -10.61
C VAL A 58 28.84 -1.33 -10.89
N SER A 59 28.98 -0.55 -11.95
CA SER A 59 28.01 0.49 -12.27
C SER A 59 27.41 0.25 -13.65
N PRO A 60 26.18 -0.27 -13.70
CA PRO A 60 25.56 -0.49 -14.98
C PRO A 60 24.91 0.75 -15.53
N GLU A 61 24.80 0.80 -16.85
CA GLU A 61 24.20 1.91 -17.60
C GLU A 61 22.74 1.66 -17.89
N SER A 62 22.35 0.38 -17.97
CA SER A 62 20.98 0.04 -18.34
C SER A 62 20.46 -1.21 -17.65
N THR A 63 19.14 -1.39 -17.69
CA THR A 63 18.47 -2.63 -17.32
C THR A 63 19.11 -3.86 -17.99
N GLU A 64 19.50 -3.74 -19.27
CA GLU A 64 20.03 -4.87 -20.04
C GLU A 64 21.33 -5.35 -19.45
N GLN A 65 22.12 -4.38 -18.97
CA GLN A 65 23.35 -4.67 -18.25
C GLN A 65 23.14 -5.19 -16.85
N VAL A 66 22.10 -4.75 -16.16
CA VAL A 66 21.78 -5.31 -14.82
C VAL A 66 21.54 -6.81 -14.93
N GLN A 67 20.74 -7.19 -15.93
CA GLN A 67 20.43 -8.58 -16.21
C GLN A 67 21.67 -9.42 -16.47
N ASP A 68 22.52 -8.95 -17.37
CA ASP A 68 23.77 -9.67 -17.68
C ASP A 68 24.70 -9.79 -16.46
N ILE A 69 24.71 -8.76 -15.62
CA ILE A 69 25.44 -8.80 -14.35
C ILE A 69 24.88 -9.88 -13.40
N VAL A 70 23.55 -9.92 -13.25
CA VAL A 70 22.90 -10.94 -12.42
C VAL A 70 23.25 -12.35 -12.94
N ARG A 71 23.20 -12.55 -14.25
CA ARG A 71 23.53 -13.85 -14.87
C ARG A 71 24.95 -14.27 -14.53
N ILE A 72 25.89 -13.35 -14.75
CA ILE A 72 27.27 -13.59 -14.39
C ILE A 72 27.33 -13.95 -12.92
N ALA A 73 26.73 -13.16 -12.05
CA ALA A 73 26.79 -13.46 -10.60
C ALA A 73 26.19 -14.83 -10.21
N ASN A 74 25.15 -15.28 -10.94
CA ASN A 74 24.59 -16.64 -10.75
C ASN A 74 25.55 -17.71 -11.23
N GLU A 75 26.09 -17.57 -12.44
CA GLU A 75 27.11 -18.52 -12.95
C GLU A 75 28.30 -18.69 -11.99
N TYR A 76 28.79 -17.60 -11.39
CA TYR A 76 30.01 -17.64 -10.55
C TYR A 76 29.82 -17.72 -9.03
N GLY A 77 28.58 -17.67 -8.53
CA GLY A 77 28.33 -17.63 -7.07
C GLY A 77 28.73 -16.37 -6.32
N ILE A 78 28.71 -15.22 -6.99
CA ILE A 78 29.12 -13.91 -6.45
C ILE A 78 27.88 -13.21 -5.87
N PRO A 79 27.79 -13.08 -4.54
CA PRO A 79 26.68 -12.26 -4.03
C PRO A 79 26.70 -10.78 -4.50
N LEU A 80 25.53 -10.26 -4.90
CA LEU A 80 25.33 -8.88 -5.37
C LEU A 80 24.53 -8.07 -4.38
N SER A 81 24.89 -6.81 -4.17
CA SER A 81 24.21 -5.96 -3.19
C SER A 81 23.85 -4.62 -3.85
N PRO A 82 22.63 -4.49 -4.39
CA PRO A 82 22.26 -3.28 -5.11
C PRO A 82 22.04 -2.03 -4.25
N VAL A 83 22.39 -0.88 -4.79
CA VAL A 83 22.08 0.41 -4.20
C VAL A 83 21.64 1.34 -5.30
N SER A 84 21.12 2.51 -4.91
CA SER A 84 20.74 3.55 -5.85
C SER A 84 21.84 4.57 -5.78
N THR A 85 21.80 5.52 -4.85
CA THR A 85 22.95 6.44 -4.66
C THR A 85 23.90 5.99 -3.54
N GLY A 86 23.44 5.04 -2.72
CA GLY A 86 24.23 4.48 -1.64
C GLY A 86 24.49 5.44 -0.50
N LYS A 87 23.57 6.35 -0.21
CA LYS A 87 23.69 7.31 0.89
C LYS A 87 22.88 6.91 2.11
N ASN A 88 22.82 5.60 2.42
CA ASN A 88 21.94 5.10 3.50
C ASN A 88 22.59 5.27 4.83
N ASN A 89 23.10 6.48 5.05
CA ASN A 89 23.97 6.75 6.17
C ASN A 89 23.15 6.74 7.43
N GLY A 90 23.64 6.09 8.46
CA GLY A 90 22.84 5.82 9.65
C GLY A 90 22.37 4.38 9.63
N TYR A 91 22.36 3.76 8.45
CA TYR A 91 21.97 2.38 8.33
C TYR A 91 22.99 1.49 7.61
N GLY A 92 24.19 1.99 7.36
CA GLY A 92 25.23 1.19 6.72
C GLY A 92 25.90 1.81 5.51
N GLY A 93 25.35 2.93 5.03
CA GLY A 93 25.83 3.60 3.81
C GLY A 93 25.53 2.81 2.54
N ALA A 94 26.52 2.74 1.65
CA ALA A 94 26.51 1.80 0.53
C ALA A 94 27.00 0.40 0.92
N ALA A 95 27.40 0.19 2.16
CA ALA A 95 28.13 -1.03 2.49
C ALA A 95 27.19 -2.23 2.56
N PRO A 96 27.62 -3.38 2.04
CA PRO A 96 26.74 -4.54 2.00
C PRO A 96 26.72 -5.29 3.33
N ARG A 97 25.57 -5.87 3.69
CA ARG A 97 25.43 -6.71 4.88
C ARG A 97 26.48 -7.82 4.93
N LEU A 98 26.56 -8.58 3.86
CA LEU A 98 27.49 -9.67 3.78
C LEU A 98 28.82 -9.17 3.27
N SER A 99 29.87 -9.34 4.07
CA SER A 99 31.21 -8.96 3.59
C SER A 99 31.57 -9.77 2.35
N GLY A 100 32.06 -9.10 1.31
CA GLY A 100 32.56 -9.74 0.08
C GLY A 100 31.62 -9.63 -1.10
N SER A 101 30.44 -9.07 -0.85
CA SER A 101 29.48 -8.84 -1.91
C SER A 101 30.00 -7.79 -2.84
N VAL A 102 29.44 -7.76 -4.02
CA VAL A 102 29.75 -6.76 -5.00
C VAL A 102 28.61 -5.76 -4.93
N ILE A 103 28.94 -4.48 -4.87
CA ILE A 103 27.92 -3.46 -4.91
C ILE A 103 27.57 -3.19 -6.37
N VAL A 104 26.29 -3.26 -6.69
CA VAL A 104 25.79 -2.78 -7.96
C VAL A 104 25.27 -1.39 -7.69
N LYS A 105 26.03 -0.39 -8.10
CA LYS A 105 25.59 0.98 -7.94
C LYS A 105 24.80 1.36 -9.16
N THR A 106 23.49 1.20 -9.05
CA THR A 106 22.60 1.47 -10.16
C THR A 106 22.50 2.97 -10.38
N GLY A 107 22.79 3.81 -9.40
CA GLY A 107 22.57 5.23 -9.57
C GLY A 107 23.61 6.02 -10.32
N GLU A 108 24.82 5.48 -10.48
CA GLU A 108 25.91 6.22 -11.10
C GLU A 108 25.51 6.72 -12.48
N ARG A 109 25.11 5.77 -13.32
CA ARG A 109 24.79 6.00 -14.72
C ARG A 109 23.32 5.94 -15.11
N MET A 110 22.53 5.13 -14.40
CA MET A 110 21.06 5.12 -14.55
C MET A 110 20.42 6.19 -13.64
N ASN A 111 20.40 7.40 -14.16
CA ASN A 111 20.00 8.56 -13.39
C ASN A 111 19.10 9.50 -14.21
N ARG A 112 18.40 8.95 -15.19
CA ARG A 112 17.50 9.72 -16.00
C ARG A 112 16.12 9.82 -15.33
N ILE A 113 15.58 11.03 -15.44
CA ILE A 113 14.18 11.28 -15.21
C ILE A 113 13.52 10.90 -16.52
N LEU A 114 12.65 9.91 -16.50
CA LEU A 114 12.05 9.38 -17.73
C LEU A 114 10.82 10.18 -18.13
N GLU A 115 9.94 10.44 -17.17
CA GLU A 115 8.73 11.21 -17.42
C GLU A 115 8.38 11.95 -16.15
N VAL A 116 7.95 13.18 -16.29
CA VAL A 116 7.22 13.88 -15.26
C VAL A 116 5.98 14.34 -15.99
N ASN A 117 4.84 13.87 -15.55
CA ASN A 117 3.59 14.13 -16.19
C ASN A 117 2.87 15.15 -15.31
N GLU A 118 2.74 16.38 -15.78
CA GLU A 118 2.08 17.46 -15.01
C GLU A 118 0.57 17.25 -14.76
N LYS A 119 -0.12 16.64 -15.72
CA LYS A 119 -1.55 16.46 -15.68
C LYS A 119 -1.98 15.41 -14.61
N TYR A 120 -1.24 14.29 -14.53
CA TYR A 120 -1.56 13.21 -13.58
C TYR A 120 -0.72 13.20 -12.30
N GLY A 121 0.29 14.07 -12.23
CA GLY A 121 1.01 14.33 -11.00
C GLY A 121 1.84 13.14 -10.63
N TYR A 122 2.67 12.67 -11.54
CA TYR A 122 3.58 11.56 -11.27
C TYR A 122 4.90 11.77 -11.96
N ALA A 123 5.88 10.97 -11.57
CA ALA A 123 7.16 10.90 -12.26
C ALA A 123 7.64 9.47 -12.35
N LEU A 124 8.25 9.12 -13.48
CA LEU A 124 8.91 7.84 -13.68
C LEU A 124 10.42 8.08 -13.66
N LEU A 125 11.12 7.43 -12.73
CA LEU A 125 12.52 7.73 -12.44
C LEU A 125 13.36 6.48 -12.47
N GLU A 126 14.59 6.60 -12.98
CA GLU A 126 15.65 5.62 -12.74
C GLU A 126 16.24 5.88 -11.35
N PRO A 127 17.02 4.93 -10.81
CA PRO A 127 17.46 5.05 -9.39
C PRO A 127 18.61 6.04 -9.04
N GLY A 128 19.19 6.72 -10.02
CA GLY A 128 20.24 7.71 -9.76
C GLY A 128 19.72 9.13 -9.61
N VAL A 129 18.40 9.31 -9.76
CA VAL A 129 17.79 10.62 -9.64
C VAL A 129 17.70 10.95 -8.17
N THR A 130 18.48 11.94 -7.77
CA THR A 130 18.48 12.48 -6.42
C THR A 130 17.36 13.49 -6.30
N TYR A 131 17.09 13.82 -5.05
CA TYR A 131 16.06 14.79 -4.72
C TYR A 131 16.40 16.18 -5.30
N PHE A 132 17.68 16.55 -5.21
CA PHE A 132 18.19 17.76 -5.90
C PHE A 132 17.92 17.73 -7.39
N ASP A 133 18.26 16.62 -8.08
CA ASP A 133 18.03 16.48 -9.53
C ASP A 133 16.56 16.73 -9.86
N LEU A 134 15.70 15.96 -9.21
CA LEU A 134 14.27 16.10 -9.42
C LEU A 134 13.82 17.51 -9.11
N TYR A 135 14.19 18.05 -7.96
CA TYR A 135 13.88 19.45 -7.63
C TYR A 135 14.27 20.44 -8.74
N GLU A 136 15.50 20.30 -9.22
CA GLU A 136 16.08 21.14 -10.27
C GLU A 136 15.29 21.04 -11.58
N TYR A 137 14.81 19.85 -11.90
CA TYR A 137 13.96 19.64 -13.06
C TYR A 137 12.65 20.39 -12.92
N LEU A 138 12.03 20.23 -11.77
CA LEU A 138 10.74 20.86 -11.48
C LEU A 138 10.83 22.37 -11.50
N GLN A 139 11.93 22.93 -11.02
CA GLN A 139 12.18 24.38 -11.13
C GLN A 139 12.37 24.84 -12.58
N SER A 140 13.26 24.18 -13.31
CA SER A 140 13.50 24.49 -14.74
C SER A 140 12.23 24.48 -15.58
N HIS A 141 11.38 23.46 -15.41
CA HIS A 141 10.18 23.34 -16.23
C HIS A 141 8.98 24.01 -15.60
N ASP A 142 9.20 24.92 -14.66
CA ASP A 142 8.16 25.81 -14.19
C ASP A 142 7.00 24.99 -13.59
N SER A 143 7.34 23.83 -13.02
CA SER A 143 6.35 22.82 -12.65
C SER A 143 5.38 23.28 -11.54
N GLY A 144 4.13 22.85 -11.62
CA GLY A 144 3.17 23.04 -10.53
C GLY A 144 3.12 21.88 -9.54
N LEU A 145 4.10 20.97 -9.59
CA LEU A 145 4.22 19.84 -8.64
C LEU A 145 5.34 20.06 -7.62
N MET A 146 5.25 19.41 -6.46
CA MET A 146 6.35 19.40 -5.47
C MET A 146 6.76 17.98 -5.14
N LEU A 147 8.04 17.80 -4.91
CA LEU A 147 8.52 16.50 -4.49
C LEU A 147 8.40 16.40 -2.97
N ASP A 148 8.52 15.19 -2.46
CA ASP A 148 8.60 14.97 -1.04
C ASP A 148 9.95 14.40 -0.68
N CYS A 149 10.71 15.15 0.13
CA CYS A 149 12.04 14.74 0.49
C CYS A 149 12.25 14.49 1.95
N PRO A 150 13.29 13.71 2.27
CA PRO A 150 13.84 13.59 3.61
C PRO A 150 14.73 14.77 3.99
N ASP A 151 15.17 14.76 5.25
CA ASP A 151 16.10 15.75 5.82
C ASP A 151 17.31 16.02 4.98
N LEU A 152 17.75 15.01 4.24
CA LEU A 152 18.91 15.09 3.36
C LEU A 152 18.60 14.69 1.91
N GLY A 153 18.72 15.67 1.01
CA GLY A 153 18.35 15.52 -0.40
C GLY A 153 19.40 14.92 -1.32
N TRP A 154 20.53 14.50 -0.77
CA TRP A 154 21.56 13.85 -1.60
C TRP A 154 21.32 12.38 -1.91
N GLY A 155 20.34 11.80 -1.23
CA GLY A 155 19.92 10.41 -1.46
C GLY A 155 18.97 10.31 -2.62
N SER A 156 18.51 9.10 -2.90
CA SER A 156 17.80 8.79 -4.14
C SER A 156 16.30 8.68 -3.86
N VAL A 157 15.49 9.24 -4.74
CA VAL A 157 14.02 9.15 -4.63
C VAL A 157 13.61 7.66 -4.58
N VAL A 158 14.25 6.86 -5.44
CA VAL A 158 13.99 5.44 -5.58
C VAL A 158 14.56 4.70 -4.41
N GLY A 159 15.82 4.92 -4.11
CA GLY A 159 16.46 4.16 -3.03
C GLY A 159 15.85 4.39 -1.67
N ASN A 160 15.50 5.63 -1.42
CA ASN A 160 14.88 5.98 -0.19
C ASN A 160 13.52 5.31 -0.09
N THR A 161 12.71 5.37 -1.16
CA THR A 161 11.41 4.69 -1.19
C THR A 161 11.57 3.17 -0.90
N LEU A 162 12.51 2.52 -1.57
CA LEU A 162 12.75 1.09 -1.38
C LEU A 162 13.16 0.67 0.02
N ASP A 163 13.76 1.55 0.81
CA ASP A 163 13.92 1.24 2.23
C ASP A 163 12.79 1.79 3.14
N ARG A 164 11.64 2.15 2.54
CA ARG A 164 10.47 2.75 3.21
C ARG A 164 10.83 3.93 4.11
N GLY A 165 11.69 4.81 3.59
CA GLY A 165 12.02 6.08 4.24
C GLY A 165 10.84 7.02 4.26
N VAL A 166 10.99 8.13 4.94
CA VAL A 166 9.90 9.06 5.16
C VAL A 166 10.35 10.48 4.88
N GLY A 167 9.36 11.30 4.59
CA GLY A 167 9.53 12.71 4.32
C GLY A 167 8.41 13.41 5.04
N TYR A 168 8.22 14.70 4.75
CA TYR A 168 7.50 15.59 5.68
C TYR A 168 6.35 16.42 5.11
N THR A 169 6.06 16.32 3.81
CA THR A 169 4.86 16.93 3.25
C THR A 169 3.70 15.97 3.46
N PRO A 170 2.48 16.32 3.01
CA PRO A 170 1.41 15.31 3.06
C PRO A 170 1.69 13.98 2.32
N TYR A 171 2.66 13.98 1.41
CA TYR A 171 3.12 12.77 0.75
C TYR A 171 4.35 12.18 1.43
N GLY A 172 4.44 12.28 2.75
CA GLY A 172 5.63 11.82 3.47
C GLY A 172 5.92 10.33 3.42
N ASP A 173 4.89 9.51 3.40
CA ASP A 173 5.04 8.06 3.34
C ASP A 173 5.35 7.66 1.89
N HIS A 174 6.64 7.63 1.57
CA HIS A 174 7.09 7.42 0.20
C HIS A 174 6.56 6.18 -0.44
N PHE A 175 6.64 5.05 0.26
CA PHE A 175 6.13 3.79 -0.29
C PHE A 175 4.63 3.81 -0.67
N MET A 176 3.80 4.55 0.07
CA MET A 176 2.37 4.68 -0.27
C MET A 176 2.14 5.25 -1.65
N TRP A 177 2.99 6.18 -2.05
CA TRP A 177 2.83 6.90 -3.29
C TRP A 177 3.63 6.29 -4.45
N GLN A 178 4.47 5.31 -4.14
CA GLN A 178 5.15 4.52 -5.16
C GLN A 178 4.08 3.84 -5.99
N THR A 179 4.27 3.86 -7.31
CA THR A 179 3.27 3.40 -8.27
C THR A 179 3.96 2.78 -9.47
N GLY A 180 3.87 1.46 -9.58
CA GLY A 180 4.60 0.69 -10.56
C GLY A 180 6.11 0.69 -10.33
N LEU A 181 6.77 -0.38 -10.75
CA LEU A 181 8.22 -0.45 -10.80
C LEU A 181 8.65 -1.58 -11.72
N GLU A 182 9.85 -1.46 -12.30
CA GLU A 182 10.50 -2.50 -13.11
C GLU A 182 11.60 -3.11 -12.27
N VAL A 183 11.80 -4.42 -12.35
CA VAL A 183 12.76 -5.09 -11.51
C VAL A 183 13.41 -6.31 -12.18
N VAL A 184 14.71 -6.43 -12.02
CA VAL A 184 15.45 -7.58 -12.46
C VAL A 184 15.45 -8.59 -11.30
N LEU A 185 14.89 -9.79 -11.53
CA LEU A 185 14.75 -10.79 -10.47
C LEU A 185 16.05 -11.57 -10.38
N PRO A 186 16.25 -12.37 -9.32
CA PRO A 186 17.59 -12.88 -9.01
C PRO A 186 18.26 -13.81 -9.99
N GLN A 187 17.52 -14.31 -10.98
CA GLN A 187 18.12 -15.17 -12.05
C GLN A 187 18.21 -14.48 -13.40
N GLY A 188 17.80 -13.21 -13.46
CA GLY A 188 18.05 -12.36 -14.63
C GLY A 188 16.83 -11.89 -15.39
N GLU A 189 15.65 -12.41 -15.04
CA GLU A 189 14.40 -12.05 -15.73
C GLU A 189 13.99 -10.64 -15.32
N VAL A 190 13.44 -9.89 -16.25
CA VAL A 190 12.94 -8.55 -15.97
C VAL A 190 11.42 -8.57 -15.91
N MET A 191 10.88 -7.92 -14.88
CA MET A 191 9.45 -7.86 -14.64
C MET A 191 9.00 -6.44 -14.37
N ARG A 192 7.81 -6.09 -14.84
CA ARG A 192 7.13 -4.84 -14.48
C ARG A 192 5.86 -5.09 -13.69
N THR A 193 5.64 -4.33 -12.62
CA THR A 193 4.46 -4.52 -11.76
C THR A 193 3.29 -3.63 -12.17
N GLY A 194 2.13 -3.97 -11.63
CA GLY A 194 0.95 -3.16 -11.81
C GLY A 194 0.43 -3.18 -13.23
N MET A 195 0.00 -2.03 -13.71
CA MET A 195 -0.47 -1.86 -15.07
C MET A 195 0.66 -1.87 -16.09
N GLY A 196 1.92 -1.89 -15.66
CA GLY A 196 3.06 -1.97 -16.58
C GLY A 196 3.26 -3.36 -17.17
N ALA A 197 2.70 -4.38 -16.51
CA ALA A 197 2.63 -5.72 -17.09
C ALA A 197 1.68 -5.79 -18.29
N LEU A 198 0.73 -4.87 -18.37
CA LEU A 198 -0.13 -4.81 -19.54
C LEU A 198 0.53 -4.03 -20.65
N PRO A 199 0.92 -4.69 -21.76
CA PRO A 199 1.66 -3.99 -22.83
C PRO A 199 0.86 -2.85 -23.42
N GLY A 200 1.51 -1.72 -23.61
CA GLY A 200 0.86 -0.50 -24.14
C GLY A 200 0.00 0.32 -23.18
N SER A 201 0.02 0.02 -21.89
CA SER A 201 -0.79 0.73 -20.90
C SER A 201 -0.21 2.09 -20.54
N ASP A 202 -1.05 3.11 -20.50
CA ASP A 202 -0.65 4.43 -20.00
C ASP A 202 -0.97 4.60 -18.50
N ALA A 203 -1.29 3.49 -17.81
CA ALA A 203 -1.78 3.52 -16.43
C ALA A 203 -0.77 3.02 -15.40
N TRP A 204 0.47 2.79 -15.84
CA TRP A 204 1.54 2.28 -14.99
C TRP A 204 1.85 3.11 -13.74
N GLN A 205 1.85 4.42 -13.91
CA GLN A 205 1.95 5.32 -12.74
C GLN A 205 0.62 5.80 -12.21
N LEU A 206 -0.49 5.39 -12.81
CA LEU A 206 -1.82 5.85 -12.45
C LEU A 206 -2.56 4.90 -11.48
N PHE A 207 -2.47 3.59 -11.72
CA PHE A 207 -3.11 2.58 -10.86
C PHE A 207 -2.05 1.58 -10.35
N PRO A 208 -1.79 1.58 -9.03
CA PRO A 208 -0.66 0.82 -8.49
C PRO A 208 -0.79 -0.70 -8.57
N TYR A 209 -2.02 -1.21 -8.47
CA TYR A 209 -2.25 -2.62 -8.15
C TYR A 209 -2.23 -3.58 -9.34
N GLY A 210 -2.58 -3.14 -10.53
CA GLY A 210 -2.82 -4.09 -11.64
C GLY A 210 -3.87 -5.15 -11.33
N PHE A 211 -3.57 -6.39 -11.69
CA PHE A 211 -4.47 -7.54 -11.52
C PHE A 211 -3.70 -8.71 -10.90
N GLY A 212 -4.36 -9.44 -10.02
CA GLY A 212 -3.75 -10.58 -9.38
C GLY A 212 -2.99 -10.12 -8.19
N PRO A 213 -2.17 -10.99 -7.61
CA PRO A 213 -1.55 -10.53 -6.37
C PRO A 213 -0.66 -9.28 -6.56
N PHE A 214 -0.64 -8.43 -5.52
CA PHE A 214 0.06 -7.16 -5.55
C PHE A 214 1.48 -7.32 -4.95
N PRO A 215 2.52 -7.30 -5.79
CA PRO A 215 3.83 -7.67 -5.26
C PRO A 215 4.77 -6.54 -4.83
N ASP A 216 4.38 -5.26 -4.98
CA ASP A 216 5.37 -4.16 -4.92
C ASP A 216 6.10 -4.01 -3.58
N GLY A 217 5.38 -4.28 -2.51
CA GLY A 217 5.95 -4.26 -1.18
C GLY A 217 7.01 -5.31 -0.93
N MET A 218 6.96 -6.41 -1.68
CA MET A 218 7.96 -7.44 -1.58
C MET A 218 9.34 -6.98 -2.05
N PHE A 219 9.43 -5.86 -2.76
CA PHE A 219 10.69 -5.31 -3.18
C PHE A 219 11.16 -4.14 -2.32
N THR A 220 10.62 -4.02 -1.09
CA THR A 220 11.02 -2.99 -0.12
C THR A 220 11.63 -3.65 1.09
N GLN A 221 12.65 -3.03 1.68
CA GLN A 221 13.50 -3.68 2.66
C GLN A 221 13.83 -5.14 2.32
N SER A 222 14.02 -5.43 1.04
CA SER A 222 14.09 -6.83 0.61
C SER A 222 15.29 -7.10 -0.24
N ASN A 223 15.61 -8.36 -0.45
CA ASN A 223 16.68 -8.73 -1.34
C ASN A 223 16.08 -9.67 -2.40
N LEU A 224 14.91 -9.29 -2.94
CA LEU A 224 14.22 -10.09 -3.94
C LEU A 224 14.45 -9.64 -5.38
N GLY A 225 15.19 -8.56 -5.59
CA GLY A 225 15.49 -8.10 -6.93
C GLY A 225 16.21 -6.76 -6.94
N ILE A 226 16.66 -6.36 -8.13
CA ILE A 226 17.30 -5.11 -8.38
C ILE A 226 16.35 -4.23 -9.20
N VAL A 227 15.85 -3.16 -8.56
CA VAL A 227 14.87 -2.26 -9.17
C VAL A 227 15.58 -1.33 -10.14
N THR A 228 15.03 -1.17 -11.35
CA THR A 228 15.63 -0.33 -12.41
C THR A 228 14.81 0.88 -12.79
N LYS A 229 13.50 0.83 -12.59
CA LYS A 229 12.64 1.99 -12.78
C LYS A 229 11.60 2.02 -11.66
N MET A 230 11.13 3.20 -11.27
CA MET A 230 10.06 3.33 -10.29
C MET A 230 9.27 4.61 -10.53
N GLY A 231 7.95 4.52 -10.42
CA GLY A 231 7.10 5.68 -10.49
C GLY A 231 6.67 6.12 -9.11
N ILE A 232 6.31 7.39 -9.01
CA ILE A 232 5.91 7.96 -7.75
C ILE A 232 4.99 9.11 -8.05
N ALA A 233 3.90 9.21 -7.31
CA ALA A 233 3.03 10.35 -7.36
C ALA A 233 3.70 11.59 -6.74
N LEU A 234 3.39 12.75 -7.31
CA LEU A 234 3.86 14.04 -6.85
C LEU A 234 2.65 14.93 -6.54
N MET A 235 2.69 15.55 -5.38
CA MET A 235 1.61 16.43 -4.95
C MET A 235 1.66 17.74 -5.71
N GLN A 236 0.51 18.36 -5.89
CA GLN A 236 0.43 19.72 -6.40
C GLN A 236 0.94 20.69 -5.36
N ARG A 237 1.77 21.66 -5.77
CA ARG A 237 2.16 22.77 -4.86
C ARG A 237 0.93 23.62 -4.45
N PRO A 238 0.64 23.70 -3.15
CA PRO A 238 -0.51 24.49 -2.70
C PRO A 238 -0.24 25.97 -2.85
N PRO A 239 -1.28 26.82 -2.89
CA PRO A 239 -1.11 28.29 -3.15
C PRO A 239 -0.29 29.05 -2.09
N ALA A 240 -0.27 28.56 -0.85
CA ALA A 240 0.55 29.15 0.21
C ALA A 240 0.78 28.17 1.36
N SER A 241 1.83 28.45 2.13
CA SER A 241 2.20 27.68 3.30
C SER A 241 2.76 28.53 4.47
N GLN A 242 2.80 27.89 5.65
CA GLN A 242 3.28 28.48 6.88
C GLN A 242 3.77 27.41 7.86
N SER A 243 5.07 27.40 8.13
CA SER A 243 5.66 26.54 9.13
C SER A 243 5.69 27.22 10.49
N PHE A 244 5.71 26.41 11.53
CA PHE A 244 5.75 26.90 12.88
C PHE A 244 6.59 25.98 13.78
N LEU A 245 7.00 26.56 14.90
CA LEU A 245 7.72 25.89 15.97
C LEU A 245 6.91 26.12 17.21
N ILE A 246 6.74 25.08 18.01
CA ILE A 246 6.30 25.23 19.40
C ILE A 246 7.41 24.66 20.28
N THR A 247 7.89 25.44 21.26
CA THR A 247 8.88 24.96 22.21
C THR A 247 8.20 24.56 23.50
N PHE A 248 8.72 23.51 24.12
CA PHE A 248 8.21 22.97 25.37
C PHE A 248 9.39 22.82 26.32
N ASP A 249 9.22 23.32 27.54
CA ASP A 249 10.36 23.49 28.45
C ASP A 249 10.84 22.20 29.15
N LYS A 250 9.92 21.37 29.63
CA LYS A 250 10.27 20.22 30.48
C LYS A 250 10.43 18.95 29.65
N GLU A 251 11.29 18.06 30.12
CA GLU A 251 11.51 16.78 29.45
C GLU A 251 10.21 15.98 29.55
N GLU A 252 9.55 16.10 30.70
CA GLU A 252 8.32 15.37 31.00
C GLU A 252 7.10 15.90 30.28
N ASP A 253 7.25 16.97 29.50
CA ASP A 253 6.15 17.43 28.65
C ASP A 253 5.73 16.50 27.51
N LEU A 254 6.60 15.55 27.15
CA LEU A 254 6.37 14.63 26.03
C LEU A 254 4.99 14.00 26.05
N GLU A 255 4.61 13.47 27.21
CA GLU A 255 3.33 12.77 27.36
C GLU A 255 2.15 13.62 26.90
N GLN A 256 2.11 14.83 27.43
CA GLN A 256 0.99 15.71 27.15
C GLN A 256 1.03 16.17 25.69
N ILE A 257 2.24 16.35 25.14
CA ILE A 257 2.42 16.86 23.78
C ILE A 257 1.76 15.94 22.76
N VAL A 258 2.00 14.66 22.95
CA VAL A 258 1.57 13.59 22.06
C VAL A 258 0.06 13.38 22.20
N ASP A 259 -0.45 13.42 23.42
CA ASP A 259 -1.91 13.25 23.65
C ASP A 259 -2.77 14.39 23.10
N ILE A 260 -2.21 15.58 23.11
CA ILE A 260 -2.84 16.71 22.47
C ILE A 260 -2.74 16.61 20.95
N MET A 261 -1.61 16.12 20.46
CA MET A 261 -1.34 15.99 19.03
C MET A 261 -2.37 15.07 18.34
N LEU A 262 -2.59 13.87 18.89
CA LEU A 262 -3.30 12.81 18.15
C LEU A 262 -4.66 13.18 17.54
N PRO A 263 -5.58 13.76 18.36
CA PRO A 263 -6.87 14.15 17.80
C PRO A 263 -6.77 15.23 16.74
N LEU A 264 -5.68 16.00 16.71
CA LEU A 264 -5.41 16.97 15.62
C LEU A 264 -4.70 16.41 14.37
N ARG A 265 -4.13 15.22 14.47
CA ARG A 265 -3.37 14.61 13.39
C ARG A 265 -4.15 13.55 12.66
N ILE A 266 -4.86 12.70 13.41
CA ILE A 266 -5.60 11.55 12.86
C ILE A 266 -6.36 11.82 11.53
N ASN A 267 -7.02 12.98 11.44
CA ASN A 267 -7.75 13.43 10.22
C ASN A 267 -6.97 14.25 9.19
N MET A 268 -5.65 14.31 9.30
CA MET A 268 -4.84 15.17 8.45
C MET A 268 -5.25 16.66 8.47
N ALA A 269 -5.89 17.13 9.54
CA ALA A 269 -6.20 18.56 9.69
C ALA A 269 -6.64 18.81 11.11
N PRO A 270 -6.07 19.78 11.82
CA PRO A 270 -5.24 20.86 11.26
C PRO A 270 -3.77 20.55 11.02
N LEU A 271 -3.28 19.43 11.54
CA LEU A 271 -1.91 18.99 11.30
C LEU A 271 -1.87 18.21 9.97
N GLN A 272 -1.67 18.97 8.89
CA GLN A 272 -1.71 18.50 7.49
C GLN A 272 -0.47 17.81 7.03
N ASN A 273 0.66 18.26 7.56
CA ASN A 273 1.92 17.70 7.17
C ASN A 273 2.30 16.62 8.16
N VAL A 274 3.54 16.14 8.09
CA VAL A 274 4.05 15.17 9.04
C VAL A 274 4.80 15.97 10.08
N PRO A 275 4.17 16.24 11.24
CA PRO A 275 4.88 16.94 12.31
C PRO A 275 6.11 16.19 12.78
N VAL A 276 7.04 16.94 13.37
CA VAL A 276 8.24 16.35 13.96
C VAL A 276 8.46 17.00 15.32
N LEU A 277 8.72 16.17 16.31
CA LEU A 277 8.98 16.60 17.67
C LEU A 277 10.42 16.23 17.93
N ARG A 278 11.28 17.24 17.97
CA ARG A 278 12.71 17.05 18.07
C ARG A 278 13.10 17.50 19.45
N ASN A 279 14.03 16.80 20.08
CA ASN A 279 14.50 17.16 21.41
C ASN A 279 15.64 18.17 21.24
N ILE A 280 16.20 18.68 22.36
CA ILE A 280 17.21 19.77 22.33
C ILE A 280 18.59 19.33 21.82
N PHE A 281 19.01 18.11 22.14
CA PHE A 281 20.28 17.57 21.62
C PHE A 281 20.31 17.52 20.11
N MET A 282 19.16 17.19 19.51
CA MET A 282 18.97 17.11 18.05
C MET A 282 19.05 18.51 17.45
N ASP A 283 18.33 19.48 18.02
CA ASP A 283 18.36 20.89 17.51
C ASP A 283 19.65 21.65 17.79
N ALA A 284 20.19 21.50 19.00
CA ALA A 284 21.48 22.02 19.35
C ALA A 284 22.53 21.48 18.42
N ALA A 285 22.57 20.18 18.26
CA ALA A 285 23.59 19.58 17.36
C ALA A 285 23.59 20.09 15.91
N ALA A 286 22.46 20.61 15.43
CA ALA A 286 22.35 21.17 14.08
C ALA A 286 22.98 22.55 13.92
N VAL A 287 23.23 23.23 15.03
CA VAL A 287 23.77 24.61 15.01
C VAL A 287 25.08 24.82 15.82
N SER A 288 25.54 23.80 16.53
CA SER A 288 26.60 23.97 17.51
C SER A 288 27.31 22.65 17.76
N LYS A 289 28.50 22.76 18.30
CA LYS A 289 29.30 21.61 18.72
C LYS A 289 29.02 21.34 20.21
N ARG A 290 29.27 20.11 20.65
CA ARG A 290 29.10 19.75 22.06
C ARG A 290 30.02 20.54 23.01
N THR A 291 31.27 20.79 22.60
CA THR A 291 32.22 21.53 23.45
C THR A 291 31.82 22.99 23.76
N GLU A 292 30.89 23.57 23.00
CA GLU A 292 30.26 24.85 23.37
C GLU A 292 29.39 24.80 24.65
N TRP A 293 28.88 23.64 25.04
CA TRP A 293 28.01 23.51 26.21
C TRP A 293 28.62 22.72 27.36
N PHE A 294 29.53 21.81 27.06
CA PHE A 294 30.09 20.92 28.05
C PHE A 294 31.32 20.25 27.50
N ASP A 295 32.36 20.20 28.31
CA ASP A 295 33.65 19.61 27.92
C ASP A 295 34.17 18.56 28.93
N GLY A 296 33.34 18.15 29.89
CA GLY A 296 33.68 17.09 30.84
C GLY A 296 33.36 15.71 30.28
N ASP A 297 33.30 14.72 31.17
CA ASP A 297 33.09 13.29 30.83
C ASP A 297 31.64 12.91 31.02
N GLY A 298 31.18 11.94 30.26
CA GLY A 298 29.86 11.38 30.49
C GLY A 298 28.71 12.29 30.06
N PRO A 299 27.47 11.88 30.39
CA PRO A 299 26.24 12.59 30.09
C PRO A 299 26.25 14.05 30.45
N MET A 300 25.84 14.87 29.50
CA MET A 300 25.73 16.29 29.70
C MET A 300 24.87 16.57 30.94
N PRO A 301 25.45 17.24 31.95
CA PRO A 301 24.67 17.61 33.15
C PRO A 301 23.47 18.54 32.85
N ALA A 302 22.51 18.59 33.78
CA ALA A 302 21.27 19.36 33.60
C ALA A 302 21.43 20.90 33.54
N GLU A 303 22.50 21.43 34.12
CA GLU A 303 22.81 22.88 34.00
C GLU A 303 23.25 23.21 32.57
N ALA A 304 24.06 22.33 31.96
CA ALA A 304 24.47 22.48 30.55
C ALA A 304 23.30 22.33 29.56
N ILE A 305 22.36 21.45 29.87
CA ILE A 305 21.12 21.36 29.10
C ILE A 305 20.35 22.69 29.18
N GLU A 306 20.32 23.32 30.35
CA GLU A 306 19.70 24.64 30.48
C GLU A 306 20.35 25.74 29.63
N ARG A 307 21.68 25.77 29.53
CA ARG A 307 22.35 26.79 28.70
C ARG A 307 21.96 26.64 27.23
N MET A 308 21.94 25.40 26.71
CA MET A 308 21.44 25.14 25.35
C MET A 308 20.04 25.69 25.11
N LYS A 309 19.11 25.37 26.02
CA LYS A 309 17.76 25.91 25.94
C LYS A 309 17.71 27.43 26.03
N LYS A 310 18.59 28.02 26.84
CA LYS A 310 18.58 29.47 26.97
C LYS A 310 19.20 30.16 25.77
N ASP A 311 20.46 29.87 25.43
CA ASP A 311 21.13 30.59 24.32
C ASP A 311 20.34 30.50 23.00
N LEU A 312 19.93 29.28 22.66
CA LEU A 312 19.22 29.03 21.40
C LEU A 312 17.72 29.33 21.49
N ASP A 313 17.20 29.53 22.70
CA ASP A 313 15.80 29.92 22.94
C ASP A 313 14.83 28.80 22.53
N LEU A 314 15.21 27.57 22.85
CA LEU A 314 14.40 26.40 22.55
C LEU A 314 13.98 25.66 23.80
N GLY A 315 13.05 24.72 23.61
CA GLY A 315 12.59 23.82 24.66
C GLY A 315 13.40 22.53 24.69
N PHE A 316 13.10 21.66 25.66
CA PHE A 316 13.64 20.31 25.60
C PHE A 316 13.01 19.61 24.43
N TRP A 317 11.72 19.88 24.23
CA TRP A 317 11.01 19.33 23.09
C TRP A 317 10.60 20.47 22.17
N ASN A 318 10.57 20.18 20.87
CA ASN A 318 10.44 21.19 19.83
C ASN A 318 9.62 20.63 18.68
N PHE A 319 8.38 21.11 18.60
CA PHE A 319 7.42 20.64 17.62
C PHE A 319 7.48 21.54 16.38
N TYR A 320 7.75 20.92 15.23
CA TYR A 320 7.81 21.63 13.95
C TYR A 320 6.78 21.08 13.00
N GLY A 321 5.99 21.99 12.43
CA GLY A 321 4.89 21.64 11.56
C GLY A 321 4.73 22.69 10.50
N THR A 322 3.88 22.40 9.53
CA THR A 322 3.63 23.30 8.41
C THR A 322 2.21 23.15 7.94
N LEU A 323 1.59 24.27 7.61
CA LEU A 323 0.23 24.31 7.16
C LEU A 323 0.23 24.73 5.70
N TYR A 324 -0.83 24.35 4.99
CA TYR A 324 -0.92 24.60 3.56
C TYR A 324 -2.32 25.00 3.15
N GLY A 325 -2.41 25.93 2.22
CA GLY A 325 -3.67 26.20 1.56
C GLY A 325 -3.95 27.67 1.42
N PRO A 326 -5.22 28.01 1.18
CA PRO A 326 -5.66 29.41 1.16
C PRO A 326 -5.29 30.11 2.50
N PRO A 327 -4.88 31.38 2.42
CA PRO A 327 -4.51 32.05 3.66
C PRO A 327 -5.57 32.06 4.82
N PRO A 328 -6.88 32.20 4.51
CA PRO A 328 -7.90 32.06 5.60
C PRO A 328 -7.91 30.66 6.27
N LEU A 329 -7.65 29.61 5.49
CA LEU A 329 -7.48 28.25 6.04
C LEU A 329 -6.26 28.09 6.93
N ILE A 330 -5.12 28.59 6.46
CA ILE A 330 -3.89 28.50 7.26
C ILE A 330 -4.09 29.06 8.66
N GLU A 331 -4.86 30.16 8.75
CA GLU A 331 -5.07 30.87 10.01
C GLU A 331 -6.04 30.20 10.92
N MET A 332 -7.13 29.65 10.38
CA MET A 332 -8.05 28.78 11.14
C MET A 332 -7.29 27.64 11.84
N TYR A 333 -6.46 26.96 11.05
CA TYR A 333 -5.71 25.80 11.51
C TYR A 333 -4.59 26.19 12.48
N TYR A 334 -3.86 27.24 12.19
CA TYR A 334 -2.89 27.73 13.16
C TYR A 334 -3.58 28.11 14.48
N GLY A 335 -4.77 28.72 14.38
CA GLY A 335 -5.62 29.04 15.54
C GLY A 335 -5.97 27.83 16.40
N MET A 336 -6.38 26.73 15.76
CA MET A 336 -6.75 25.48 16.47
C MET A 336 -5.56 24.87 17.20
N ILE A 337 -4.44 24.81 16.50
CA ILE A 337 -3.18 24.32 17.05
C ILE A 337 -2.74 25.18 18.25
N LYS A 338 -2.78 26.50 18.14
CA LYS A 338 -2.38 27.37 19.28
C LYS A 338 -3.25 27.10 20.52
N GLU A 339 -4.51 26.82 20.29
CA GLU A 339 -5.47 26.61 21.38
C GLU A 339 -5.22 25.30 22.14
N ALA A 340 -4.97 24.23 21.39
CA ALA A 340 -4.75 22.94 21.97
C ALA A 340 -3.42 22.85 22.73
N PHE A 341 -2.30 23.10 22.06
CA PHE A 341 -0.97 23.04 22.69
C PHE A 341 -0.74 24.15 23.71
N GLY A 342 -1.54 25.22 23.67
CA GLY A 342 -1.50 26.27 24.67
C GLY A 342 -1.62 25.76 26.11
N LYS A 343 -2.38 24.67 26.27
CA LYS A 343 -2.59 24.07 27.58
C LYS A 343 -1.31 23.77 28.31
N ILE A 344 -0.28 23.31 27.57
CA ILE A 344 0.96 22.91 28.22
C ILE A 344 1.68 24.13 28.77
N PRO A 345 1.78 24.27 30.13
CA PRO A 345 2.46 25.43 30.71
C PRO A 345 3.85 25.60 30.12
N GLY A 346 4.17 26.81 29.65
CA GLY A 346 5.51 27.13 29.09
C GLY A 346 5.66 26.91 27.59
N ALA A 347 4.62 26.44 26.92
CA ALA A 347 4.58 26.35 25.47
C ALA A 347 4.66 27.74 24.81
N ARG A 348 5.62 27.93 23.91
CA ARG A 348 5.76 29.15 23.14
C ARG A 348 5.75 28.90 21.64
N PHE A 349 5.13 29.81 20.91
CA PHE A 349 4.83 29.68 19.49
C PHE A 349 5.63 30.63 18.63
N PHE A 350 6.18 30.10 17.55
CA PHE A 350 6.88 30.91 16.57
C PHE A 350 6.51 30.42 15.17
N THR A 351 6.13 31.33 14.28
CA THR A 351 6.03 30.99 12.84
C THR A 351 7.37 31.30 12.19
N HIS A 352 7.51 30.88 10.92
CA HIS A 352 8.75 31.07 10.15
C HIS A 352 9.03 32.50 9.78
N GLU A 353 8.00 33.36 9.81
CA GLU A 353 8.14 34.81 9.67
C GLU A 353 8.77 35.47 10.91
N GLU A 354 8.46 34.96 12.09
CA GLU A 354 8.78 35.59 13.36
C GLU A 354 10.23 35.39 13.82
N ARG A 355 10.83 34.24 13.55
CA ARG A 355 12.13 33.86 14.11
C ARG A 355 13.22 33.60 13.08
N ASP A 356 14.32 34.33 13.22
CA ASP A 356 15.43 34.34 12.25
C ASP A 356 16.81 34.35 12.93
N ASP A 357 16.89 33.83 14.16
CA ASP A 357 18.15 33.75 14.92
C ASP A 357 18.82 32.35 14.73
N ARG A 358 19.85 32.07 15.51
CA ARG A 358 20.62 30.83 15.42
C ARG A 358 19.80 29.60 15.76
N GLY A 359 18.97 29.69 16.80
CA GLY A 359 18.06 28.61 17.19
C GLY A 359 16.93 28.38 16.19
N GLY A 360 16.54 29.44 15.49
CA GLY A 360 15.57 29.38 14.40
C GLY A 360 16.05 28.74 13.11
N HIS A 361 17.35 28.43 13.01
CA HIS A 361 17.93 27.79 11.83
C HIS A 361 17.25 26.46 11.46
N VAL A 362 16.68 25.76 12.44
CA VAL A 362 16.02 24.52 12.12
C VAL A 362 14.63 24.76 11.55
N LEU A 363 13.84 25.63 12.19
CA LEU A 363 12.54 26.08 11.65
C LEU A 363 12.64 26.52 10.21
N GLN A 364 13.68 27.28 9.93
CA GLN A 364 13.91 27.73 8.55
C GLN A 364 14.23 26.51 7.66
N ASP A 365 15.03 25.57 8.19
CA ASP A 365 15.32 24.31 7.47
C ASP A 365 14.08 23.43 7.26
N ARG A 366 13.21 23.31 8.26
CA ARG A 366 11.98 22.51 8.15
C ARG A 366 11.03 23.09 7.13
N HIS A 367 10.92 24.41 7.11
CA HIS A 367 10.09 25.10 6.16
C HIS A 367 10.52 24.92 4.70
N LYS A 368 11.82 24.70 4.46
CA LYS A 368 12.28 24.28 3.14
C LYS A 368 11.85 22.84 2.82
N ILE A 369 12.23 21.92 3.70
CA ILE A 369 11.93 20.48 3.58
C ILE A 369 10.42 20.15 3.42
N ASN A 370 9.62 20.70 4.33
CA ASN A 370 8.14 20.58 4.28
C ASN A 370 7.49 21.23 3.06
N ASN A 371 8.20 22.08 2.31
CA ASN A 371 7.73 22.57 1.02
C ASN A 371 8.50 21.93 -0.17
N GLY A 372 9.06 20.74 0.06
CA GLY A 372 9.73 19.96 -0.94
C GLY A 372 10.92 20.60 -1.60
N ILE A 373 11.70 21.34 -0.81
CA ILE A 373 12.97 21.92 -1.24
C ILE A 373 14.06 21.19 -0.46
N PRO A 374 14.87 20.37 -1.15
CA PRO A 374 15.86 19.58 -0.45
C PRO A 374 16.98 20.42 0.17
N SER A 375 17.53 19.94 1.29
CA SER A 375 18.57 20.63 2.05
C SER A 375 19.69 19.69 2.46
N LEU A 376 20.86 20.25 2.73
CA LEU A 376 21.97 19.54 3.43
C LEU A 376 22.34 20.16 4.79
N ASP A 377 21.54 21.10 5.28
CA ASP A 377 21.75 21.75 6.58
C ASP A 377 21.92 20.76 7.75
N GLU A 378 21.15 19.68 7.72
CA GLU A 378 21.24 18.61 8.71
C GLU A 378 22.58 17.87 8.74
N LEU A 379 23.42 17.99 7.72
CA LEU A 379 24.81 17.47 7.84
C LEU A 379 25.62 18.07 8.96
N GLN A 380 25.27 19.27 9.40
CA GLN A 380 25.98 19.90 10.50
C GLN A 380 25.90 19.12 11.82
N LEU A 381 24.81 18.37 12.05
CA LEU A 381 24.71 17.37 13.13
C LEU A 381 25.95 16.56 13.40
N LEU A 382 26.63 16.14 12.34
CA LEU A 382 27.84 15.33 12.45
C LEU A 382 29.07 16.11 12.91
N ASP A 383 28.96 17.41 13.20
CA ASP A 383 30.04 18.16 13.86
C ASP A 383 29.76 18.30 15.34
N TRP A 384 28.81 17.54 15.88
CA TRP A 384 28.52 17.59 17.33
C TRP A 384 29.77 17.21 18.09
N VAL A 385 30.42 16.14 17.63
CA VAL A 385 31.71 15.68 18.14
C VAL A 385 32.64 15.50 16.92
N PRO A 386 33.96 15.39 17.16
CA PRO A 386 34.88 15.12 16.04
C PRO A 386 34.68 13.73 15.41
N ASN A 387 34.96 13.62 14.12
CA ASN A 387 34.78 12.38 13.35
C ASN A 387 33.37 11.84 13.47
N GLY A 388 32.42 12.77 13.58
CA GLY A 388 31.06 12.49 13.96
C GLY A 388 30.41 11.53 13.00
N GLY A 389 29.60 10.66 13.59
CA GLY A 389 28.74 9.74 12.87
C GLY A 389 27.52 9.47 13.71
N HIS A 390 26.47 8.96 13.06
CA HIS A 390 25.24 8.54 13.72
C HIS A 390 24.77 7.15 13.33
N ILE A 391 24.00 6.58 14.24
CA ILE A 391 23.21 5.41 13.93
C ILE A 391 21.73 5.69 14.26
N GLY A 392 20.87 5.04 13.47
CA GLY A 392 19.43 5.10 13.63
C GLY A 392 18.92 3.88 14.38
N PHE A 393 18.39 4.15 15.57
CA PHE A 393 17.55 3.22 16.27
C PHE A 393 16.15 3.79 16.13
N SER A 394 15.28 3.03 15.48
CA SER A 394 14.04 3.58 14.96
C SER A 394 12.83 2.75 15.32
N PRO A 395 12.53 2.65 16.63
CA PRO A 395 11.32 1.98 17.03
C PRO A 395 10.07 2.72 16.58
N VAL A 396 8.99 1.97 16.53
CA VAL A 396 7.68 2.45 16.17
C VAL A 396 6.95 2.59 17.48
N SER A 397 6.15 3.62 17.60
CA SER A 397 5.39 3.90 18.81
C SER A 397 3.95 4.22 18.44
N ALA A 398 3.05 3.89 19.34
CA ALA A 398 1.69 4.40 19.25
C ALA A 398 1.70 5.92 19.45
N PRO A 399 0.71 6.64 18.90
CA PRO A 399 0.54 8.05 19.14
C PRO A 399 -0.13 8.24 20.52
N ASP A 400 0.65 7.95 21.55
CA ASP A 400 0.15 7.88 22.91
C ASP A 400 1.29 8.30 23.76
N GLY A 401 1.04 9.27 24.64
CA GLY A 401 2.12 9.92 25.35
C GLY A 401 2.80 9.07 26.39
N ARG A 402 2.08 8.09 26.93
CA ARG A 402 2.67 7.16 27.89
C ARG A 402 3.63 6.22 27.19
N GLU A 403 3.26 5.71 26.00
CA GLU A 403 4.14 4.83 25.18
C GLU A 403 5.40 5.56 24.75
N ALA A 404 5.22 6.77 24.26
CA ALA A 404 6.34 7.64 23.89
C ALA A 404 7.23 7.99 25.10
N MET A 405 6.64 8.29 26.24
CA MET A 405 7.41 8.62 27.46
C MET A 405 8.13 7.39 27.95
N LYS A 406 7.52 6.22 27.76
CA LYS A 406 8.16 4.98 28.14
C LYS A 406 9.37 4.72 27.26
N GLN A 407 9.20 4.93 25.96
CA GLN A 407 10.31 4.72 25.01
C GLN A 407 11.44 5.68 25.21
N PHE A 408 11.10 6.92 25.51
CA PHE A 408 12.06 7.98 25.77
C PHE A 408 12.93 7.67 26.98
N GLU A 409 12.29 7.37 28.09
CA GLU A 409 13.01 7.00 29.31
C GLU A 409 13.88 5.73 29.15
N MET A 410 13.31 4.70 28.51
CA MET A 410 14.03 3.45 28.18
C MET A 410 15.31 3.69 27.39
N VAL A 411 15.21 4.56 26.39
CA VAL A 411 16.33 4.89 25.51
C VAL A 411 17.38 5.73 26.24
N ARG A 412 16.90 6.77 26.93
CA ARG A 412 17.76 7.67 27.72
C ARG A 412 18.50 6.94 28.84
N ASN A 413 17.82 6.03 29.54
CA ASN A 413 18.46 5.22 30.58
C ASN A 413 19.70 4.52 30.01
N ARG A 414 19.55 3.90 28.83
CA ARG A 414 20.66 3.19 28.18
C ARG A 414 21.67 4.10 27.48
N ALA A 415 21.25 5.27 26.99
CA ALA A 415 22.18 6.20 26.33
C ALA A 415 23.17 6.82 27.33
N ASN A 416 22.69 7.12 28.55
CA ASN A 416 23.55 7.54 29.65
C ASN A 416 24.46 6.45 30.20
N GLU A 417 23.95 5.23 30.29
CA GLU A 417 24.73 4.08 30.73
C GLU A 417 25.94 3.87 29.82
N TYR A 418 25.77 4.05 28.53
CA TYR A 418 26.85 3.84 27.56
C TYR A 418 27.59 5.11 27.12
N ASN A 419 27.30 6.25 27.76
CA ASN A 419 27.89 7.54 27.37
C ASN A 419 27.72 7.89 25.90
N LYS A 420 26.46 7.96 25.47
CA LYS A 420 26.10 8.43 24.13
C LYS A 420 24.99 9.45 24.26
N ASP A 421 25.06 10.49 23.44
CA ASP A 421 24.05 11.51 23.48
C ASP A 421 22.88 11.02 22.63
N TYR A 422 21.67 11.25 23.13
CA TYR A 422 20.44 10.76 22.53
C TYR A 422 19.68 11.94 21.90
N ALA A 423 19.87 12.13 20.60
CA ALA A 423 19.07 13.04 19.78
C ALA A 423 17.84 12.27 19.36
N ALA A 424 16.68 12.90 19.53
CA ALA A 424 15.39 12.23 19.37
C ALA A 424 14.55 13.02 18.38
N GLN A 425 13.87 12.30 17.49
CA GLN A 425 12.95 12.89 16.52
C GLN A 425 11.76 11.98 16.29
N PHE A 426 10.63 12.31 16.92
CA PHE A 426 9.37 11.62 16.68
C PHE A 426 8.79 12.16 15.38
N ILE A 427 8.61 11.28 14.41
CA ILE A 427 8.02 11.62 13.10
C ILE A 427 6.60 11.07 13.18
N ILE A 428 5.59 11.89 12.94
CA ILE A 428 4.23 11.60 13.38
C ILE A 428 3.30 11.40 12.19
N GLY A 429 2.86 10.16 11.99
CA GLY A 429 1.86 9.81 10.98
C GLY A 429 0.46 10.02 11.52
N LEU A 430 -0.55 9.47 10.85
CA LEU A 430 -1.96 9.58 11.31
C LEU A 430 -2.17 8.81 12.59
N ARG A 431 -1.68 7.57 12.57
CA ARG A 431 -1.98 6.58 13.60
C ARG A 431 -0.76 5.99 14.32
N GLU A 432 0.46 6.41 13.97
CA GLU A 432 1.69 5.85 14.55
C GLU A 432 2.84 6.85 14.47
N MET A 433 3.91 6.59 15.21
CA MET A 433 5.06 7.48 15.22
C MET A 433 6.27 6.66 14.99
N HIS A 434 7.14 7.12 14.09
CA HIS A 434 8.48 6.58 13.90
C HIS A 434 9.36 7.26 14.93
N HIS A 435 9.91 6.55 15.90
CA HIS A 435 10.68 7.24 16.92
C HIS A 435 12.14 7.06 16.56
N VAL A 436 12.69 8.06 15.86
CA VAL A 436 14.07 8.03 15.46
C VAL A 436 14.95 8.53 16.60
N CYS A 437 15.84 7.64 17.05
CA CYS A 437 16.79 7.92 18.10
C CYS A 437 18.15 7.90 17.39
N LEU A 438 18.72 9.08 17.19
CA LEU A 438 20.04 9.22 16.56
C LEU A 438 21.06 9.36 17.63
N PHE A 439 21.97 8.42 17.70
CA PHE A 439 23.08 8.48 18.62
C PHE A 439 24.28 8.94 17.83
N ILE A 440 24.82 10.09 18.22
CA ILE A 440 25.94 10.66 17.47
C ILE A 440 27.21 10.33 18.26
N TYR A 441 28.26 9.97 17.55
CA TYR A 441 29.45 9.40 18.19
C TYR A 441 30.69 9.56 17.33
N ASP A 442 31.84 9.42 17.97
CA ASP A 442 33.16 9.63 17.36
C ASP A 442 33.55 8.36 16.64
N THR A 443 33.59 8.42 15.31
CA THR A 443 33.81 7.19 14.54
C THR A 443 35.26 6.66 14.64
N ALA A 444 36.21 7.55 14.94
CA ALA A 444 37.62 7.15 15.05
C ALA A 444 37.85 6.09 16.16
N ILE A 445 37.19 6.28 17.31
CA ILE A 445 37.49 5.51 18.54
C ILE A 445 36.83 4.11 18.53
N PRO A 446 37.63 3.03 18.58
CA PRO A 446 37.08 1.66 18.60
C PRO A 446 36.06 1.40 19.72
N GLU A 447 36.33 1.90 20.93
CA GLU A 447 35.41 1.74 22.06
C GLU A 447 34.05 2.45 21.93
N ALA A 448 34.05 3.63 21.32
CA ALA A 448 32.82 4.34 21.01
C ALA A 448 31.94 3.52 20.05
N ARG A 449 32.56 2.88 19.08
CA ARG A 449 31.82 2.11 18.09
C ARG A 449 31.22 0.84 18.69
N GLU A 450 31.94 0.14 19.56
CA GLU A 450 31.46 -1.12 20.15
C GLU A 450 30.41 -0.89 21.22
N GLU A 451 30.60 0.19 21.99
CA GLU A 451 29.57 0.68 22.90
C GLU A 451 28.28 1.01 22.13
N ILE A 452 28.40 1.60 20.94
CA ILE A 452 27.24 1.87 20.08
C ILE A 452 26.56 0.56 19.66
N LEU A 453 27.36 -0.41 19.24
CA LEU A 453 26.84 -1.71 18.84
C LEU A 453 26.22 -2.43 20.04
N GLN A 454 26.94 -2.55 21.14
CA GLN A 454 26.38 -3.18 22.35
C GLN A 454 25.15 -2.47 22.81
N MET A 455 25.20 -1.14 22.85
CA MET A 455 24.08 -0.33 23.34
C MET A 455 22.80 -0.54 22.52
N THR A 456 22.94 -0.58 21.20
CA THR A 456 21.77 -0.74 20.32
C THR A 456 21.22 -2.17 20.35
N LYS A 457 22.10 -3.19 20.47
CA LYS A 457 21.67 -4.61 20.66
C LYS A 457 20.82 -4.77 21.93
N VAL A 458 21.26 -4.13 23.02
CA VAL A 458 20.49 -4.08 24.25
C VAL A 458 19.11 -3.40 24.03
N LEU A 459 19.05 -2.25 23.35
CA LEU A 459 17.78 -1.54 23.16
C LEU A 459 16.82 -2.29 22.25
N VAL A 460 17.32 -2.96 21.21
CA VAL A 460 16.47 -3.78 20.37
C VAL A 460 15.72 -4.79 21.23
N ARG A 461 16.46 -5.54 22.06
CA ARG A 461 15.91 -6.59 22.92
C ARG A 461 15.04 -6.04 24.06
N GLU A 462 15.52 -4.98 24.69
CA GLU A 462 14.77 -4.25 25.72
C GLU A 462 13.48 -3.63 25.13
N ALA A 463 13.50 -3.22 23.86
CA ALA A 463 12.31 -2.67 23.20
C ALA A 463 11.30 -3.75 22.85
N ALA A 464 11.79 -4.86 22.30
CA ALA A 464 10.99 -6.02 21.98
C ALA A 464 10.28 -6.60 23.20
N GLU A 465 11.01 -6.77 24.30
CA GLU A 465 10.44 -7.22 25.58
C GLU A 465 9.29 -6.33 26.05
N ALA A 466 9.34 -5.04 25.70
CA ALA A 466 8.25 -4.11 25.99
C ALA A 466 7.14 -4.04 24.91
N GLY A 467 7.23 -4.85 23.88
CA GLY A 467 6.29 -4.79 22.77
C GLY A 467 6.60 -3.82 21.66
N TYR A 468 7.80 -3.26 21.63
CA TYR A 468 8.21 -2.32 20.54
C TYR A 468 9.20 -2.89 19.49
N GLY A 469 8.99 -2.50 18.25
CA GLY A 469 9.75 -2.97 17.12
C GLY A 469 10.26 -1.84 16.27
N GLU A 470 11.31 -2.11 15.52
CA GLU A 470 11.94 -1.15 14.67
C GLU A 470 11.34 -1.19 13.26
N TYR A 471 11.19 -0.03 12.63
CA TYR A 471 10.72 0.04 11.23
C TYR A 471 11.85 -0.11 10.19
N ARG A 472 13.10 0.07 10.63
CA ARG A 472 14.25 0.18 9.74
C ARG A 472 15.47 0.08 10.61
N THR A 473 16.51 -0.59 10.14
CA THR A 473 17.69 -0.72 10.95
C THR A 473 18.95 -0.89 10.14
N HIS A 474 20.05 -0.72 10.85
CA HIS A 474 21.41 -0.82 10.34
C HIS A 474 21.72 -2.28 10.01
N ASN A 475 22.55 -2.49 8.99
CA ASN A 475 23.20 -3.78 8.70
C ASN A 475 23.51 -4.63 9.92
N ALA A 476 24.12 -4.03 10.93
CA ALA A 476 24.66 -4.77 12.04
C ALA A 476 23.62 -5.27 13.00
N LEU A 477 22.37 -4.82 12.86
CA LEU A 477 21.30 -5.15 13.76
C LEU A 477 20.17 -5.89 13.08
N MET A 478 20.32 -6.22 11.80
CA MET A 478 19.24 -6.79 11.01
C MET A 478 18.82 -8.16 11.52
N ASP A 479 19.76 -9.01 11.85
CA ASP A 479 19.44 -10.32 12.41
C ASP A 479 18.74 -10.14 13.74
N ASP A 480 19.25 -9.25 14.57
CA ASP A 480 18.63 -9.01 15.89
C ASP A 480 17.25 -8.44 15.80
N VAL A 481 17.01 -7.55 14.85
CA VAL A 481 15.69 -6.94 14.69
C VAL A 481 14.68 -7.96 14.19
N MET A 482 15.05 -8.73 13.18
CA MET A 482 14.16 -9.73 12.61
C MET A 482 13.84 -10.87 13.60
N ALA A 483 14.84 -11.23 14.41
CA ALA A 483 14.66 -12.16 15.51
C ALA A 483 13.58 -11.70 16.51
N THR A 484 13.34 -10.38 16.62
CA THR A 484 12.22 -9.89 17.43
C THR A 484 10.83 -10.09 16.79
N PHE A 485 10.73 -10.23 15.46
CA PHE A 485 9.41 -10.42 14.80
C PHE A 485 9.03 -11.88 14.72
N ASN A 486 8.94 -12.51 15.89
CA ASN A 486 8.94 -13.98 16.02
C ASN A 486 7.63 -14.61 16.55
N TRP A 487 6.51 -13.96 16.22
CA TRP A 487 5.19 -14.50 16.50
C TRP A 487 5.04 -15.83 15.79
N GLY A 488 4.33 -16.75 16.46
CA GLY A 488 4.05 -18.08 15.92
C GLY A 488 5.35 -18.76 15.58
N ASP A 489 6.28 -18.74 16.53
CA ASP A 489 7.53 -19.51 16.39
C ASP A 489 8.38 -19.07 15.15
N GLY A 490 8.47 -17.76 14.94
CA GLY A 490 9.23 -17.18 13.80
C GLY A 490 8.61 -17.37 12.44
N ALA A 491 7.28 -17.34 12.39
CA ALA A 491 6.52 -17.58 11.19
C ALA A 491 6.91 -16.63 10.07
N LEU A 492 7.06 -15.34 10.39
CA LEU A 492 7.30 -14.33 9.37
C LEU A 492 8.61 -14.56 8.64
N LEU A 493 9.64 -14.91 9.40
CA LEU A 493 10.95 -15.19 8.81
C LEU A 493 10.95 -16.43 7.93
N LYS A 494 10.29 -17.48 8.39
CA LYS A 494 10.23 -18.73 7.61
C LYS A 494 9.57 -18.49 6.25
N PHE A 495 8.50 -17.69 6.25
CA PHE A 495 7.81 -17.31 5.02
C PHE A 495 8.75 -16.58 4.05
N HIS A 496 9.45 -15.59 4.59
CA HIS A 496 10.38 -14.81 3.79
C HIS A 496 11.52 -15.64 3.22
N GLU A 497 12.07 -16.55 4.02
CA GLU A 497 13.15 -17.46 3.58
C GLU A 497 12.67 -18.44 2.48
N LYS A 498 11.40 -18.85 2.56
CA LYS A 498 10.81 -19.73 1.56
C LYS A 498 10.69 -19.05 0.18
N ILE A 499 10.28 -17.77 0.16
CA ILE A 499 10.17 -16.98 -1.07
C ILE A 499 11.55 -16.69 -1.64
N LYS A 500 12.43 -16.25 -0.77
CA LYS A 500 13.83 -16.07 -1.09
C LYS A 500 14.43 -17.30 -1.78
N ASP A 501 14.21 -18.48 -1.25
CA ASP A 501 14.83 -19.68 -1.82
C ASP A 501 14.28 -20.05 -3.19
N ALA A 502 13.01 -19.71 -3.45
CA ALA A 502 12.35 -20.09 -4.70
C ALA A 502 12.54 -19.08 -5.83
N LEU A 503 12.82 -17.81 -5.49
CA LEU A 503 13.22 -16.78 -6.47
C LEU A 503 14.73 -16.65 -6.66
N ASP A 504 15.48 -17.03 -5.64
CA ASP A 504 16.93 -16.89 -5.63
C ASP A 504 17.59 -18.23 -5.24
N PRO A 505 17.43 -19.27 -6.10
CA PRO A 505 18.04 -20.59 -5.85
C PRO A 505 19.53 -20.59 -5.56
N ASN A 506 20.29 -19.68 -6.16
CA ASN A 506 21.72 -19.64 -5.88
C ASN A 506 22.15 -18.58 -4.87
N GLY A 507 21.18 -17.89 -4.26
CA GLY A 507 21.45 -17.07 -3.09
C GLY A 507 22.36 -15.92 -3.43
N ILE A 508 21.92 -15.16 -4.43
CA ILE A 508 22.74 -14.16 -5.10
C ILE A 508 22.52 -12.73 -4.61
N ILE A 509 21.26 -12.34 -4.37
CA ILE A 509 20.94 -10.93 -4.16
C ILE A 509 20.97 -10.58 -2.68
N ALA A 510 21.69 -9.50 -2.36
CA ALA A 510 21.89 -8.90 -0.99
C ALA A 510 21.65 -9.79 0.21
N PRO A 511 22.40 -10.88 0.31
CA PRO A 511 22.09 -11.80 1.40
C PRO A 511 22.25 -11.14 2.76
N GLY A 512 21.35 -11.52 3.67
CA GLY A 512 21.31 -10.98 5.02
C GLY A 512 20.44 -9.76 5.21
N LYS A 513 20.02 -9.14 4.11
CA LYS A 513 19.17 -7.95 4.17
C LYS A 513 17.88 -8.28 4.93
N SER A 514 17.63 -7.51 5.97
CA SER A 514 16.53 -7.72 6.89
C SER A 514 16.55 -9.08 7.62
N GLY A 515 17.74 -9.65 7.83
CA GLY A 515 17.91 -10.96 8.44
C GLY A 515 17.46 -12.13 7.59
N ILE A 516 17.24 -11.92 6.30
CA ILE A 516 16.80 -12.95 5.36
C ILE A 516 17.99 -13.45 4.55
N TRP A 517 18.45 -14.64 4.89
CA TRP A 517 19.58 -15.27 4.24
C TRP A 517 19.05 -16.37 3.34
N SER A 518 19.75 -16.65 2.23
CA SER A 518 19.38 -17.79 1.38
C SER A 518 19.93 -19.08 2.01
N GLN A 519 19.38 -20.23 1.60
CA GLN A 519 19.76 -21.57 2.16
C GLN A 519 21.24 -21.75 2.39
N ARG A 520 22.05 -21.24 1.47
CA ARG A 520 23.50 -21.48 1.51
C ARG A 520 24.25 -20.64 2.55
N PHE A 521 23.66 -19.58 3.11
CA PHE A 521 24.29 -18.84 4.20
C PHE A 521 23.73 -19.06 5.58
N ARG A 522 22.51 -19.63 5.69
CA ARG A 522 21.88 -19.83 7.01
C ARG A 522 22.78 -20.64 7.92
N GLY A 523 23.04 -20.09 9.09
CA GLY A 523 23.77 -20.78 10.15
C GLY A 523 25.24 -20.43 10.24
N GLN A 524 25.77 -19.73 9.25
CA GLN A 524 27.20 -19.49 9.19
C GLN A 524 27.69 -18.29 10.03
N ASN A 525 26.76 -17.46 10.50
CA ASN A 525 27.11 -16.20 11.19
C ASN A 525 28.09 -15.43 10.27
N LEU A 526 27.52 -14.90 9.18
CA LEU A 526 28.22 -14.41 7.98
C LEU A 526 29.10 -15.45 7.24
N THR B 2 -25.14 -36.11 -11.31
CA THR B 2 -23.69 -36.50 -11.45
C THR B 2 -22.83 -35.87 -10.34
N ARG B 3 -22.36 -36.68 -9.39
CA ARG B 3 -21.74 -36.20 -8.14
C ARG B 3 -20.39 -35.52 -8.32
N THR B 4 -20.24 -34.27 -7.86
CA THR B 4 -18.99 -33.52 -8.05
C THR B 4 -17.87 -33.98 -7.11
N LEU B 5 -16.68 -34.18 -7.68
CA LEU B 5 -15.51 -34.62 -6.93
C LEU B 5 -14.28 -33.77 -7.31
N PRO B 6 -13.34 -33.57 -6.37
CA PRO B 6 -12.03 -32.98 -6.67
C PRO B 6 -11.29 -33.79 -7.72
N PRO B 7 -10.59 -33.13 -8.67
CA PRO B 7 -9.85 -33.86 -9.71
C PRO B 7 -8.96 -34.98 -9.17
N GLY B 8 -8.99 -36.13 -9.84
CA GLY B 8 -8.25 -37.31 -9.39
C GLY B 8 -8.40 -37.65 -7.91
N VAL B 9 -9.61 -37.57 -7.39
CA VAL B 9 -9.94 -38.06 -6.06
C VAL B 9 -11.18 -38.94 -6.18
N SER B 10 -11.14 -40.09 -5.54
CA SER B 10 -12.18 -41.10 -5.66
C SER B 10 -13.31 -40.84 -4.66
N ASP B 11 -14.45 -41.49 -4.88
CA ASP B 11 -15.61 -41.35 -3.98
C ASP B 11 -15.27 -41.70 -2.54
N GLU B 12 -14.47 -42.74 -2.34
CA GLU B 12 -14.07 -43.20 -0.99
C GLU B 12 -12.95 -42.34 -0.35
N ARG B 13 -11.96 -41.93 -1.15
CA ARG B 13 -10.93 -40.98 -0.65
C ARG B 13 -11.62 -39.62 -0.31
N PHE B 14 -12.60 -39.20 -1.11
CA PHE B 14 -13.35 -38.00 -0.79
C PHE B 14 -14.22 -38.18 0.46
N ASP B 15 -14.84 -39.35 0.58
CA ASP B 15 -15.66 -39.68 1.77
C ASP B 15 -14.87 -39.59 3.07
N ALA B 16 -13.64 -40.12 3.05
CA ALA B 16 -12.76 -40.16 4.22
C ALA B 16 -12.33 -38.75 4.64
N ALA B 17 -11.97 -37.95 3.63
CA ALA B 17 -11.64 -36.54 3.84
C ALA B 17 -12.80 -35.81 4.49
N LEU B 18 -13.98 -35.88 3.87
CA LEU B 18 -15.20 -35.33 4.47
C LEU B 18 -15.34 -35.71 5.94
N GLN B 19 -15.09 -36.98 6.24
CA GLN B 19 -15.26 -37.44 7.60
C GLN B 19 -14.26 -36.76 8.51
N ARG B 20 -13.02 -36.63 8.04
CA ARG B 20 -11.98 -35.89 8.78
C ARG B 20 -12.33 -34.41 8.97
N PHE B 21 -12.94 -33.78 7.97
CA PHE B 21 -13.36 -32.38 8.11
C PHE B 21 -14.35 -32.23 9.23
N ARG B 22 -15.29 -33.16 9.31
CA ARG B 22 -16.30 -33.13 10.38
C ARG B 22 -15.70 -33.29 11.79
N ASP B 23 -14.63 -34.08 11.90
CA ASP B 23 -13.88 -34.21 13.17
C ASP B 23 -13.37 -32.87 13.64
N VAL B 24 -12.87 -32.07 12.69
CA VAL B 24 -12.28 -30.77 12.99
C VAL B 24 -13.34 -29.75 13.40
N VAL B 25 -14.45 -29.68 12.64
CA VAL B 25 -15.47 -28.61 12.77
C VAL B 25 -16.83 -29.00 13.33
N GLY B 26 -17.09 -30.29 13.52
CA GLY B 26 -18.41 -30.77 13.95
C GLY B 26 -19.29 -31.05 12.77
N ASP B 27 -20.34 -31.82 13.00
CA ASP B 27 -21.17 -32.36 11.89
C ASP B 27 -21.98 -31.31 11.15
N LYS B 28 -22.64 -30.43 11.91
CA LYS B 28 -23.55 -29.41 11.36
C LYS B 28 -22.90 -28.61 10.22
N TRP B 29 -21.58 -28.40 10.30
CA TRP B 29 -20.87 -27.43 9.47
C TRP B 29 -20.07 -28.04 8.32
N VAL B 30 -20.50 -29.20 7.82
CA VAL B 30 -19.92 -29.81 6.63
C VAL B 30 -21.08 -30.19 5.72
N LEU B 31 -21.31 -29.37 4.69
CA LEU B 31 -22.37 -29.61 3.71
C LEU B 31 -21.76 -30.42 2.57
N SER B 32 -22.46 -31.47 2.09
CA SER B 32 -22.01 -32.19 0.87
C SER B 32 -23.10 -32.78 -0.05
N THR B 33 -24.37 -32.45 0.17
CA THR B 33 -25.47 -33.09 -0.56
C THR B 33 -25.97 -32.20 -1.70
N ALA B 34 -26.34 -32.81 -2.82
CA ALA B 34 -26.65 -32.10 -4.10
C ALA B 34 -27.26 -30.72 -3.94
N ASP B 35 -28.32 -30.62 -3.16
CA ASP B 35 -29.07 -29.35 -3.01
C ASP B 35 -28.81 -28.53 -1.72
N GLU B 36 -27.94 -29.02 -0.83
CA GLU B 36 -27.27 -28.14 0.17
C GLU B 36 -26.27 -27.19 -0.52
N LEU B 37 -25.51 -27.74 -1.47
CA LEU B 37 -24.52 -27.02 -2.25
C LEU B 37 -25.13 -26.19 -3.36
N GLU B 38 -26.40 -26.43 -3.67
CA GLU B 38 -27.19 -25.59 -4.61
C GLU B 38 -27.03 -24.11 -4.37
N ALA B 39 -27.07 -23.73 -3.09
CA ALA B 39 -26.96 -22.32 -2.69
C ALA B 39 -25.54 -21.72 -2.87
N PHE B 40 -24.55 -22.56 -3.22
CA PHE B 40 -23.19 -22.11 -3.42
C PHE B 40 -22.73 -22.11 -4.89
N ARG B 41 -23.66 -22.43 -5.81
CA ARG B 41 -23.45 -22.20 -7.24
C ARG B 41 -23.34 -20.69 -7.46
N ASP B 42 -22.64 -20.30 -8.52
CA ASP B 42 -22.56 -18.89 -8.92
C ASP B 42 -24.01 -18.45 -9.14
N PRO B 43 -24.52 -17.49 -8.35
CA PRO B 43 -25.92 -17.06 -8.53
C PRO B 43 -26.19 -16.34 -9.85
N TYR B 44 -25.16 -15.81 -10.51
CA TYR B 44 -25.29 -15.18 -11.80
C TYR B 44 -24.43 -15.99 -12.81
N PRO B 45 -24.88 -17.23 -13.15
CA PRO B 45 -24.09 -18.13 -14.01
C PRO B 45 -23.81 -17.56 -15.39
N VAL B 46 -22.65 -17.95 -15.89
CA VAL B 46 -22.07 -17.37 -17.11
C VAL B 46 -21.60 -18.55 -17.98
N GLY B 47 -22.14 -18.64 -19.19
CA GLY B 47 -21.94 -19.79 -20.06
C GLY B 47 -23.12 -20.73 -19.96
N ALA B 48 -23.35 -21.51 -21.01
CA ALA B 48 -24.45 -22.47 -21.06
C ALA B 48 -24.09 -23.74 -20.31
N ALA B 49 -22.85 -24.22 -20.47
CA ALA B 49 -22.31 -25.35 -19.70
C ALA B 49 -22.23 -25.05 -18.19
N GLU B 50 -22.37 -26.07 -17.36
CA GLU B 50 -22.21 -25.93 -15.90
C GLU B 50 -20.73 -25.98 -15.48
N ALA B 51 -20.20 -24.84 -15.04
CA ALA B 51 -18.84 -24.73 -14.52
C ALA B 51 -18.89 -24.32 -13.06
N ASN B 52 -17.76 -24.39 -12.35
CA ASN B 52 -17.64 -23.78 -11.02
C ASN B 52 -18.50 -24.46 -9.93
N LEU B 53 -18.37 -25.79 -9.86
CA LEU B 53 -19.19 -26.64 -9.00
C LEU B 53 -18.43 -27.04 -7.73
N PRO B 54 -18.94 -26.68 -6.56
CA PRO B 54 -18.28 -27.17 -5.36
C PRO B 54 -18.59 -28.63 -5.06
N SER B 55 -17.61 -29.33 -4.49
CA SER B 55 -17.81 -30.70 -4.00
C SER B 55 -18.32 -30.75 -2.55
N ALA B 56 -18.03 -29.70 -1.78
CA ALA B 56 -18.45 -29.60 -0.36
C ALA B 56 -18.29 -28.16 0.20
N VAL B 57 -18.78 -27.89 1.41
CA VAL B 57 -18.55 -26.59 2.07
C VAL B 57 -18.18 -26.89 3.52
N VAL B 58 -17.15 -26.21 4.03
CA VAL B 58 -16.66 -26.42 5.41
C VAL B 58 -16.63 -25.07 6.15
N SER B 59 -17.38 -24.95 7.25
CA SER B 59 -17.47 -23.69 8.02
C SER B 59 -16.77 -23.82 9.37
N PRO B 60 -15.45 -23.48 9.45
CA PRO B 60 -14.71 -23.56 10.70
C PRO B 60 -15.00 -22.36 11.56
N GLU B 61 -14.71 -22.48 12.84
CA GLU B 61 -15.02 -21.44 13.82
C GLU B 61 -13.80 -20.67 14.38
N SER B 62 -12.59 -21.16 14.13
CA SER B 62 -11.37 -20.53 14.62
C SER B 62 -10.24 -20.74 13.64
N THR B 63 -9.11 -20.11 13.94
CA THR B 63 -7.89 -20.25 13.12
C THR B 63 -7.36 -21.65 13.15
N GLU B 64 -7.54 -22.33 14.29
CA GLU B 64 -6.95 -23.64 14.54
C GLU B 64 -7.65 -24.65 13.64
N GLN B 65 -8.97 -24.59 13.61
CA GLN B 65 -9.71 -25.46 12.72
C GLN B 65 -9.31 -25.21 11.25
N VAL B 66 -9.09 -23.95 10.88
CA VAL B 66 -8.62 -23.61 9.51
C VAL B 66 -7.29 -24.27 9.22
N GLN B 67 -6.33 -24.22 10.14
CA GLN B 67 -5.02 -24.88 9.95
C GLN B 67 -5.15 -26.39 9.72
N ASP B 68 -5.98 -27.03 10.54
CA ASP B 68 -6.25 -28.49 10.49
C ASP B 68 -6.93 -28.90 9.19
N ILE B 69 -8.01 -28.22 8.85
CA ILE B 69 -8.63 -28.37 7.52
C ILE B 69 -7.64 -28.31 6.37
N VAL B 70 -6.70 -27.38 6.45
CA VAL B 70 -5.67 -27.21 5.43
C VAL B 70 -4.75 -28.41 5.44
N ARG B 71 -4.36 -28.91 6.61
CA ARG B 71 -3.43 -30.05 6.71
C ARG B 71 -4.05 -31.29 6.10
N ILE B 72 -5.34 -31.49 6.40
CA ILE B 72 -6.14 -32.60 5.88
C ILE B 72 -6.25 -32.51 4.35
N ALA B 73 -6.45 -31.29 3.83
CA ALA B 73 -6.47 -31.07 2.39
C ALA B 73 -5.12 -31.33 1.72
N ASN B 74 -4.02 -31.03 2.41
CA ASN B 74 -2.71 -31.42 1.90
C ASN B 74 -2.56 -32.94 1.87
N GLU B 75 -3.01 -33.63 2.93
CA GLU B 75 -2.98 -35.10 3.00
C GLU B 75 -3.68 -35.77 1.78
N TYR B 76 -4.82 -35.22 1.38
CA TYR B 76 -5.64 -35.85 0.34
C TYR B 76 -5.46 -35.23 -1.06
N GLY B 77 -4.84 -34.05 -1.14
CA GLY B 77 -4.74 -33.32 -2.39
C GLY B 77 -6.07 -32.74 -2.82
N ILE B 78 -6.85 -32.30 -1.84
CA ILE B 78 -8.17 -31.70 -2.09
C ILE B 78 -8.10 -30.16 -2.16
N PRO B 79 -8.53 -29.55 -3.25
CA PRO B 79 -8.50 -28.10 -3.32
C PRO B 79 -9.44 -27.37 -2.37
N LEU B 80 -8.96 -26.27 -1.81
CA LEU B 80 -9.74 -25.44 -0.89
C LEU B 80 -9.92 -24.11 -1.55
N SER B 81 -11.12 -23.56 -1.42
CA SER B 81 -11.46 -22.29 -2.00
C SER B 81 -12.03 -21.41 -0.90
N PRO B 82 -11.19 -20.57 -0.24
CA PRO B 82 -11.72 -19.76 0.85
C PRO B 82 -12.60 -18.61 0.35
N VAL B 83 -13.63 -18.29 1.13
CA VAL B 83 -14.46 -17.11 0.93
C VAL B 83 -14.68 -16.57 2.33
N SER B 84 -15.32 -15.41 2.39
CA SER B 84 -15.68 -14.82 3.68
C SER B 84 -17.15 -15.04 3.89
N THR B 85 -17.95 -14.25 3.19
CA THR B 85 -19.37 -14.39 3.18
C THR B 85 -19.87 -14.89 1.83
N GLY B 86 -18.98 -15.05 0.85
CA GLY B 86 -19.37 -15.63 -0.44
C GLY B 86 -20.33 -14.84 -1.31
N LYS B 87 -20.42 -13.53 -1.11
CA LYS B 87 -21.34 -12.69 -1.85
C LYS B 87 -20.65 -11.97 -3.01
N ASN B 88 -19.64 -12.60 -3.61
CA ASN B 88 -18.82 -11.96 -4.64
C ASN B 88 -19.55 -11.99 -5.99
N ASN B 89 -20.77 -11.49 -6.00
CA ASN B 89 -21.64 -11.61 -7.14
C ASN B 89 -21.24 -10.61 -8.23
N GLY B 90 -21.38 -11.04 -9.47
CA GLY B 90 -20.85 -10.28 -10.58
C GLY B 90 -19.53 -10.84 -11.00
N TYR B 91 -18.87 -11.62 -10.14
CA TYR B 91 -17.56 -12.19 -10.39
C TYR B 91 -17.45 -13.72 -10.12
N GLY B 92 -18.59 -14.36 -9.84
CA GLY B 92 -18.59 -15.78 -9.44
C GLY B 92 -19.32 -16.12 -8.15
N GLY B 93 -19.73 -15.12 -7.37
CA GLY B 93 -20.38 -15.37 -6.09
C GLY B 93 -19.41 -16.14 -5.22
N ALA B 94 -19.87 -17.23 -4.60
CA ALA B 94 -19.04 -18.02 -3.73
C ALA B 94 -18.34 -19.14 -4.47
N ALA B 95 -18.74 -19.38 -5.74
CA ALA B 95 -18.35 -20.59 -6.48
C ALA B 95 -16.88 -20.61 -6.71
N PRO B 96 -16.27 -21.80 -6.72
CA PRO B 96 -14.85 -21.92 -6.95
C PRO B 96 -14.49 -21.86 -8.44
N ARG B 97 -13.23 -21.49 -8.71
CA ARG B 97 -12.72 -21.45 -10.06
C ARG B 97 -12.50 -22.86 -10.58
N LEU B 98 -11.93 -23.74 -9.76
CA LEU B 98 -11.72 -25.13 -10.14
C LEU B 98 -12.92 -25.89 -9.67
N SER B 99 -13.66 -26.47 -10.62
CA SER B 99 -14.79 -27.35 -10.26
C SER B 99 -14.24 -28.56 -9.49
N GLY B 100 -14.89 -28.89 -8.37
CA GLY B 100 -14.43 -29.96 -7.46
C GLY B 100 -13.78 -29.51 -6.14
N SER B 101 -13.45 -28.22 -6.03
CA SER B 101 -12.85 -27.66 -4.82
C SER B 101 -13.88 -27.58 -3.70
N VAL B 102 -13.37 -27.65 -2.48
CA VAL B 102 -14.17 -27.45 -1.25
C VAL B 102 -14.14 -25.96 -0.91
N ILE B 103 -15.31 -25.39 -0.70
CA ILE B 103 -15.41 -24.01 -0.22
C ILE B 103 -15.08 -24.04 1.27
N VAL B 104 -14.21 -23.13 1.70
CA VAL B 104 -14.00 -22.88 3.15
C VAL B 104 -14.62 -21.53 3.43
N LYS B 105 -15.85 -21.53 3.90
CA LYS B 105 -16.57 -20.33 4.21
C LYS B 105 -16.15 -19.88 5.62
N THR B 106 -15.10 -19.09 5.67
CA THR B 106 -14.52 -18.66 6.93
C THR B 106 -15.51 -17.85 7.76
N GLY B 107 -16.35 -17.07 7.11
CA GLY B 107 -17.22 -16.13 7.82
C GLY B 107 -18.45 -16.65 8.53
N GLU B 108 -18.86 -17.86 8.19
CA GLU B 108 -20.08 -18.47 8.75
C GLU B 108 -20.02 -18.45 10.27
N ARG B 109 -18.91 -18.93 10.84
CA ARG B 109 -18.71 -18.87 12.28
C ARG B 109 -17.58 -17.92 12.77
N MET B 110 -16.69 -17.50 11.88
CA MET B 110 -15.64 -16.55 12.27
C MET B 110 -16.13 -15.15 11.91
N ASN B 111 -16.95 -14.59 12.79
CA ASN B 111 -17.63 -13.33 12.50
C ASN B 111 -17.58 -12.34 13.65
N ARG B 112 -16.56 -12.45 14.49
CA ARG B 112 -16.45 -11.58 15.63
C ARG B 112 -15.76 -10.27 15.20
N ILE B 113 -16.30 -9.16 15.68
CA ILE B 113 -15.61 -7.87 15.74
C ILE B 113 -14.63 -8.00 16.91
N LEU B 114 -13.36 -8.28 16.64
CA LEU B 114 -12.38 -8.48 17.72
C LEU B 114 -12.11 -7.20 18.53
N GLU B 115 -11.94 -6.08 17.85
CA GLU B 115 -11.78 -4.77 18.51
C GLU B 115 -12.26 -3.64 17.59
N VAL B 116 -12.91 -2.63 18.16
CA VAL B 116 -13.00 -1.33 17.51
C VAL B 116 -12.42 -0.32 18.49
N ASN B 117 -11.34 0.33 18.10
CA ASN B 117 -10.65 1.31 18.93
C ASN B 117 -10.98 2.73 18.48
N GLU B 118 -11.67 3.49 19.35
CA GLU B 118 -12.09 4.89 19.07
C GLU B 118 -10.93 5.90 19.02
N LYS B 119 -9.99 5.74 19.93
CA LYS B 119 -8.83 6.59 20.00
C LYS B 119 -8.09 6.57 18.65
N TYR B 120 -7.62 5.41 18.24
CA TYR B 120 -6.80 5.31 17.05
C TYR B 120 -7.57 5.10 15.74
N GLY B 121 -8.89 5.05 15.80
CA GLY B 121 -9.74 4.96 14.61
C GLY B 121 -9.48 3.75 13.75
N TYR B 122 -9.53 2.57 14.33
CA TYR B 122 -9.33 1.33 13.56
C TYR B 122 -10.27 0.23 14.07
N ALA B 123 -10.38 -0.85 13.28
CA ALA B 123 -11.06 -2.08 13.70
C ALA B 123 -10.25 -3.33 13.42
N LEU B 124 -10.37 -4.34 14.26
CA LEU B 124 -9.84 -5.68 13.95
C LEU B 124 -11.04 -6.63 13.77
N LEU B 125 -11.04 -7.41 12.66
CA LEU B 125 -12.21 -8.16 12.24
C LEU B 125 -11.86 -9.57 11.81
N GLU B 126 -12.72 -10.53 12.13
CA GLU B 126 -12.69 -11.85 11.49
C GLU B 126 -13.42 -11.71 10.13
N PRO B 127 -13.27 -12.68 9.20
CA PRO B 127 -13.90 -12.56 7.86
C PRO B 127 -15.42 -12.47 7.84
N GLY B 128 -16.08 -12.88 8.91
CA GLY B 128 -17.54 -12.88 8.94
C GLY B 128 -18.23 -11.58 9.28
N VAL B 129 -17.48 -10.53 9.57
CA VAL B 129 -18.12 -9.26 9.84
C VAL B 129 -18.57 -8.68 8.51
N THR B 130 -19.89 -8.49 8.36
CA THR B 130 -20.46 -7.78 7.21
C THR B 130 -20.46 -6.30 7.49
N TYR B 131 -20.73 -5.51 6.46
CA TYR B 131 -20.81 -4.07 6.61
C TYR B 131 -22.01 -3.70 7.42
N PHE B 132 -23.09 -4.46 7.37
CA PHE B 132 -24.22 -4.23 8.27
C PHE B 132 -23.87 -4.45 9.73
N ASP B 133 -23.16 -5.56 9.99
CA ASP B 133 -22.79 -5.93 11.37
C ASP B 133 -21.93 -4.85 11.99
N LEU B 134 -20.97 -4.33 11.22
CA LEU B 134 -20.01 -3.34 11.73
C LEU B 134 -20.70 -2.03 11.95
N TYR B 135 -21.53 -1.62 10.99
CA TYR B 135 -22.39 -0.43 11.17
C TYR B 135 -23.28 -0.51 12.41
N GLU B 136 -23.81 -1.70 12.70
CA GLU B 136 -24.64 -1.92 13.90
C GLU B 136 -23.81 -1.81 15.22
N TYR B 137 -22.58 -2.31 15.21
CA TYR B 137 -21.65 -2.13 16.31
C TYR B 137 -21.45 -0.62 16.60
N LEU B 138 -21.14 0.10 15.53
CA LEU B 138 -20.88 1.54 15.57
C LEU B 138 -22.06 2.38 16.03
N GLN B 139 -23.27 2.08 15.56
CA GLN B 139 -24.49 2.76 16.03
C GLN B 139 -24.73 2.52 17.53
N SER B 140 -24.68 1.24 17.95
CA SER B 140 -24.81 0.81 19.37
C SER B 140 -23.90 1.54 20.34
N HIS B 141 -22.63 1.66 19.97
CA HIS B 141 -21.61 2.30 20.81
C HIS B 141 -21.50 3.80 20.64
N ASP B 142 -22.37 4.43 19.85
CA ASP B 142 -22.39 5.89 19.69
C ASP B 142 -21.01 6.40 19.24
N SER B 143 -20.46 5.71 18.25
CA SER B 143 -19.09 5.87 17.82
C SER B 143 -18.85 7.19 17.08
N GLY B 144 -17.63 7.68 17.09
CA GLY B 144 -17.21 8.81 16.25
C GLY B 144 -16.79 8.41 14.84
N LEU B 145 -16.69 7.10 14.60
CA LEU B 145 -16.19 6.55 13.36
C LEU B 145 -17.27 6.14 12.39
N MET B 146 -16.89 6.09 11.12
CA MET B 146 -17.75 5.58 10.07
C MET B 146 -16.98 4.59 9.24
N LEU B 147 -17.71 3.67 8.65
CA LEU B 147 -17.10 2.71 7.75
C LEU B 147 -17.16 3.19 6.33
N ASP B 148 -16.51 2.43 5.46
CA ASP B 148 -16.64 2.61 4.05
C ASP B 148 -17.19 1.35 3.41
N CYS B 149 -18.39 1.47 2.85
CA CYS B 149 -19.07 0.34 2.25
C CYS B 149 -19.22 0.48 0.74
N PRO B 150 -19.32 -0.65 0.03
CA PRO B 150 -19.75 -0.68 -1.36
C PRO B 150 -21.26 -0.46 -1.56
N ASP B 151 -21.73 -0.60 -2.81
CA ASP B 151 -23.15 -0.50 -3.16
C ASP B 151 -24.02 -1.44 -2.36
N LEU B 152 -23.54 -2.67 -2.18
CA LEU B 152 -24.25 -3.74 -1.47
C LEU B 152 -23.52 -4.14 -0.21
N GLY B 153 -24.04 -3.73 0.95
CA GLY B 153 -23.41 -3.98 2.25
C GLY B 153 -23.57 -5.33 2.90
N TRP B 154 -24.08 -6.31 2.17
CA TRP B 154 -24.22 -7.66 2.72
C TRP B 154 -22.91 -8.44 2.72
N GLY B 155 -21.92 -7.96 1.96
CA GLY B 155 -20.64 -8.60 1.91
C GLY B 155 -19.82 -8.31 3.15
N SER B 156 -18.63 -8.87 3.14
CA SER B 156 -17.72 -8.83 4.25
C SER B 156 -16.72 -7.71 4.06
N VAL B 157 -16.36 -7.07 5.17
CA VAL B 157 -15.31 -6.06 5.20
C VAL B 157 -14.00 -6.69 4.67
N VAL B 158 -13.71 -7.94 5.07
CA VAL B 158 -12.45 -8.65 4.72
C VAL B 158 -12.46 -9.22 3.28
N GLY B 159 -13.59 -9.80 2.90
CA GLY B 159 -13.71 -10.38 1.56
C GLY B 159 -13.53 -9.34 0.48
N ASN B 160 -14.32 -8.29 0.57
CA ASN B 160 -14.20 -7.14 -0.31
C ASN B 160 -12.75 -6.56 -0.35
N THR B 161 -12.16 -6.34 0.82
CA THR B 161 -10.81 -5.79 0.89
C THR B 161 -9.81 -6.73 0.25
N LEU B 162 -9.97 -8.03 0.46
CA LEU B 162 -9.02 -8.99 -0.12
C LEU B 162 -9.21 -9.17 -1.62
N ASP B 163 -10.34 -8.71 -2.18
CA ASP B 163 -10.47 -8.62 -3.66
C ASP B 163 -10.19 -7.21 -4.23
N ARG B 164 -9.55 -6.37 -3.41
CA ARG B 164 -9.28 -4.97 -3.73
C ARG B 164 -10.51 -4.23 -4.19
N GLY B 165 -11.62 -4.53 -3.53
CA GLY B 165 -12.86 -3.82 -3.77
C GLY B 165 -12.75 -2.35 -3.36
N VAL B 166 -13.85 -1.61 -3.56
CA VAL B 166 -13.89 -0.15 -3.39
C VAL B 166 -15.22 0.41 -2.89
N GLY B 167 -15.13 1.42 -2.04
CA GLY B 167 -16.28 2.16 -1.57
C GLY B 167 -16.09 3.62 -1.92
N TYR B 168 -16.95 4.47 -1.37
CA TYR B 168 -17.17 5.81 -1.95
C TYR B 168 -16.98 7.01 -1.01
N THR B 169 -16.53 6.75 0.22
CA THR B 169 -16.09 7.78 1.16
C THR B 169 -14.58 8.08 0.86
N PRO B 170 -14.00 9.06 1.54
CA PRO B 170 -12.55 9.31 1.32
C PRO B 170 -11.66 8.11 1.61
N TYR B 171 -12.13 7.21 2.47
CA TYR B 171 -11.50 5.90 2.73
C TYR B 171 -11.90 4.79 1.71
N GLY B 172 -12.32 5.19 0.51
CA GLY B 172 -12.85 4.29 -0.51
C GLY B 172 -11.91 3.20 -0.96
N ASP B 173 -10.63 3.49 -1.03
CA ASP B 173 -9.68 2.50 -1.50
C ASP B 173 -9.41 1.53 -0.36
N HIS B 174 -10.18 0.44 -0.29
CA HIS B 174 -10.18 -0.44 0.90
C HIS B 174 -8.84 -1.07 1.18
N PHE B 175 -8.09 -1.43 0.14
CA PHE B 175 -6.85 -2.09 0.40
C PHE B 175 -5.82 -1.16 1.08
N MET B 176 -5.87 0.15 0.82
CA MET B 176 -4.85 1.05 1.40
C MET B 176 -5.06 1.33 2.89
N TRP B 177 -6.30 1.18 3.34
CA TRP B 177 -6.67 1.31 4.74
C TRP B 177 -6.65 0.01 5.49
N GLN B 178 -6.36 -1.08 4.80
CA GLN B 178 -6.02 -2.35 5.41
C GLN B 178 -4.72 -2.23 6.20
N THR B 179 -4.73 -2.75 7.43
CA THR B 179 -3.56 -2.69 8.31
C THR B 179 -3.46 -3.97 9.17
N GLY B 180 -2.53 -4.84 8.80
CA GLY B 180 -2.24 -6.05 9.57
C GLY B 180 -3.18 -7.16 9.21
N LEU B 181 -2.65 -8.37 9.08
CA LEU B 181 -3.56 -9.52 8.94
C LEU B 181 -2.96 -10.80 9.47
N GLU B 182 -3.83 -11.70 9.86
CA GLU B 182 -3.46 -13.07 10.15
C GLU B 182 -3.80 -13.96 8.95
N VAL B 183 -2.90 -14.88 8.61
CA VAL B 183 -3.12 -15.74 7.47
C VAL B 183 -2.61 -17.15 7.76
N VAL B 184 -3.40 -18.12 7.29
CA VAL B 184 -2.98 -19.52 7.20
C VAL B 184 -2.40 -19.76 5.81
N LEU B 185 -1.13 -20.14 5.79
CA LEU B 185 -0.40 -20.42 4.56
C LEU B 185 -0.74 -21.81 4.09
N PRO B 186 -0.43 -22.13 2.83
CA PRO B 186 -1.04 -23.30 2.17
C PRO B 186 -0.75 -24.68 2.76
N GLN B 187 0.26 -24.80 3.61
CA GLN B 187 0.51 -26.03 4.33
C GLN B 187 0.10 -25.94 5.80
N GLY B 188 -0.74 -24.98 6.18
CA GLY B 188 -1.29 -24.91 7.56
C GLY B 188 -0.51 -24.14 8.63
N GLU B 189 0.68 -23.63 8.29
CA GLU B 189 1.42 -22.68 9.15
C GLU B 189 0.57 -21.40 9.31
N VAL B 190 0.68 -20.73 10.43
CA VAL B 190 -0.07 -19.48 10.64
C VAL B 190 0.88 -18.34 10.83
N MET B 191 0.56 -17.19 10.22
CA MET B 191 1.45 -16.06 10.15
C MET B 191 0.72 -14.74 10.30
N ARG B 192 1.26 -13.86 11.14
CA ARG B 192 0.78 -12.46 11.25
C ARG B 192 1.71 -11.47 10.60
N THR B 193 1.11 -10.56 9.83
CA THR B 193 1.86 -9.53 9.11
C THR B 193 2.01 -8.22 9.90
N GLY B 194 3.00 -7.45 9.48
CA GLY B 194 3.30 -6.15 10.07
C GLY B 194 3.82 -6.24 11.50
N MET B 195 3.35 -5.30 12.32
CA MET B 195 3.68 -5.29 13.73
C MET B 195 3.02 -6.45 14.50
N GLY B 196 2.07 -7.13 13.86
CA GLY B 196 1.50 -8.35 14.43
C GLY B 196 2.48 -9.48 14.57
N ALA B 197 3.55 -9.46 13.77
CA ALA B 197 4.65 -10.40 13.91
C ALA B 197 5.51 -10.21 15.15
N LEU B 198 5.30 -9.14 15.92
CA LEU B 198 6.06 -8.90 17.12
C LEU B 198 5.17 -9.10 18.33
N PRO B 199 5.39 -10.21 19.09
CA PRO B 199 4.54 -10.57 20.25
C PRO B 199 4.25 -9.40 21.16
N GLY B 200 2.96 -9.14 21.41
CA GLY B 200 2.54 -8.09 22.36
C GLY B 200 2.51 -6.66 21.84
N SER B 201 2.71 -6.48 20.54
CA SER B 201 2.64 -5.16 19.95
C SER B 201 1.21 -4.71 20.04
N ASP B 202 0.99 -3.42 20.34
CA ASP B 202 -0.31 -2.72 20.22
C ASP B 202 -0.46 -2.08 18.83
N ALA B 203 0.55 -2.24 17.99
CA ALA B 203 0.64 -1.45 16.79
C ALA B 203 0.18 -2.18 15.52
N TRP B 204 -0.39 -3.37 15.64
CA TRP B 204 -0.82 -4.14 14.47
C TRP B 204 -1.69 -3.32 13.47
N GLN B 205 -2.69 -2.65 14.00
CA GLN B 205 -3.60 -1.82 13.19
C GLN B 205 -3.16 -0.34 13.17
N LEU B 206 -1.91 -0.08 13.52
CA LEU B 206 -1.34 1.24 13.59
C LEU B 206 -0.27 1.52 12.52
N PHE B 207 0.65 0.57 12.31
CA PHE B 207 1.69 0.68 11.30
C PHE B 207 1.63 -0.57 10.42
N PRO B 208 1.23 -0.41 9.15
CA PRO B 208 1.04 -1.58 8.30
C PRO B 208 2.30 -2.37 7.96
N TYR B 209 3.44 -1.71 7.80
CA TYR B 209 4.57 -2.34 7.08
C TYR B 209 5.40 -3.30 7.89
N GLY B 210 5.48 -3.08 9.19
CA GLY B 210 6.40 -3.85 10.01
C GLY B 210 7.83 -3.67 9.53
N PHE B 211 8.51 -4.80 9.31
CA PHE B 211 9.95 -4.79 9.04
C PHE B 211 10.31 -5.85 8.01
N GLY B 212 11.15 -5.43 7.09
CA GLY B 212 11.49 -6.25 5.95
C GLY B 212 10.36 -6.27 4.95
N PRO B 213 10.39 -7.23 4.02
CA PRO B 213 9.45 -7.20 2.93
C PRO B 213 8.00 -7.14 3.40
N PHE B 214 7.23 -6.26 2.78
CA PHE B 214 5.84 -5.99 3.16
C PHE B 214 4.96 -6.86 2.27
N PRO B 215 4.39 -7.93 2.85
CA PRO B 215 3.71 -8.88 2.00
C PRO B 215 2.21 -8.72 1.87
N ASP B 216 1.54 -7.90 2.67
CA ASP B 216 0.03 -7.87 2.72
C ASP B 216 -0.62 -7.87 1.34
N GLY B 217 -0.05 -7.14 0.38
CA GLY B 217 -0.58 -7.05 -1.00
C GLY B 217 -0.68 -8.37 -1.72
N MET B 218 0.25 -9.27 -1.40
CA MET B 218 0.27 -10.63 -1.95
C MET B 218 -0.84 -11.57 -1.43
N PHE B 219 -1.68 -11.16 -0.48
CA PHE B 219 -2.85 -11.95 -0.10
C PHE B 219 -4.16 -11.34 -0.61
N THR B 220 -4.06 -10.52 -1.66
CA THR B 220 -5.21 -9.86 -2.24
C THR B 220 -5.27 -10.27 -3.70
N GLN B 221 -6.48 -10.56 -4.20
CA GLN B 221 -6.70 -11.32 -5.45
C GLN B 221 -5.77 -12.55 -5.55
N SER B 222 -5.65 -13.27 -4.43
CA SER B 222 -4.59 -14.24 -4.27
C SER B 222 -5.08 -15.59 -3.87
N ASN B 223 -4.23 -16.58 -4.09
CA ASN B 223 -4.47 -17.93 -3.65
C ASN B 223 -3.28 -18.45 -2.81
N LEU B 224 -2.64 -17.55 -2.06
CA LEU B 224 -1.48 -17.87 -1.25
C LEU B 224 -1.82 -18.19 0.21
N GLY B 225 -3.03 -17.91 0.65
CA GLY B 225 -3.42 -18.29 2.00
C GLY B 225 -4.90 -18.16 2.30
N ILE B 226 -5.25 -18.43 3.54
CA ILE B 226 -6.60 -18.19 4.05
C ILE B 226 -6.51 -17.18 5.19
N VAL B 227 -7.19 -16.06 4.97
CA VAL B 227 -7.15 -14.97 5.91
C VAL B 227 -8.15 -15.20 7.04
N THR B 228 -7.70 -15.02 8.27
CA THR B 228 -8.51 -15.25 9.46
C THR B 228 -8.79 -14.01 10.26
N LYS B 229 -7.87 -13.05 10.25
CA LYS B 229 -8.11 -11.74 10.82
C LYS B 229 -7.56 -10.66 9.90
N MET B 230 -8.23 -9.50 9.88
CA MET B 230 -7.73 -8.32 9.18
C MET B 230 -8.01 -7.07 9.99
N GLY B 231 -7.07 -6.16 10.02
CA GLY B 231 -7.30 -4.86 10.56
C GLY B 231 -7.60 -3.84 9.48
N ILE B 232 -8.44 -2.88 9.81
CA ILE B 232 -8.71 -1.78 8.91
C ILE B 232 -8.89 -0.45 9.68
N ALA B 233 -8.38 0.61 9.08
CA ALA B 233 -8.49 1.93 9.64
C ALA B 233 -9.86 2.46 9.29
N LEU B 234 -10.40 3.24 10.21
CA LEU B 234 -11.71 3.84 10.11
C LEU B 234 -11.62 5.35 10.22
N MET B 235 -12.27 6.04 9.28
CA MET B 235 -12.35 7.49 9.24
C MET B 235 -13.20 7.99 10.38
N GLN B 236 -12.85 9.15 10.90
CA GLN B 236 -13.74 9.90 11.77
C GLN B 236 -14.96 10.44 11.01
N ARG B 237 -16.13 10.37 11.64
CA ARG B 237 -17.34 10.95 11.07
C ARG B 237 -17.24 12.47 11.13
N PRO B 238 -17.38 13.15 9.97
CA PRO B 238 -17.36 14.62 9.96
C PRO B 238 -18.65 15.22 10.54
N PRO B 239 -18.59 16.47 11.00
CA PRO B 239 -19.73 17.09 11.69
C PRO B 239 -21.01 17.32 10.82
N ALA B 240 -20.84 17.52 9.52
CA ALA B 240 -21.97 17.61 8.57
C ALA B 240 -21.58 17.05 7.19
N SER B 241 -22.57 16.83 6.33
CA SER B 241 -22.30 16.40 4.95
C SER B 241 -23.40 16.76 3.96
N GLN B 242 -23.05 16.79 2.69
CA GLN B 242 -24.00 17.16 1.64
C GLN B 242 -23.66 16.43 0.36
N SER B 243 -24.65 15.74 -0.19
CA SER B 243 -24.47 15.01 -1.43
C SER B 243 -25.15 15.77 -2.54
N PHE B 244 -24.71 15.50 -3.75
CA PHE B 244 -25.21 16.24 -4.87
C PHE B 244 -25.24 15.35 -6.12
N LEU B 245 -26.22 15.62 -6.98
CA LEU B 245 -26.31 15.03 -8.31
C LEU B 245 -26.07 16.09 -9.35
N ILE B 246 -25.21 15.83 -10.34
CA ILE B 246 -25.25 16.62 -11.58
C ILE B 246 -25.67 15.73 -12.73
N THR B 247 -26.62 16.21 -13.51
CA THR B 247 -27.08 15.51 -14.71
C THR B 247 -26.51 16.19 -15.96
N PHE B 248 -26.04 15.37 -16.90
CA PHE B 248 -25.56 15.86 -18.17
C PHE B 248 -26.46 15.23 -19.18
N ASP B 249 -27.10 16.07 -19.97
CA ASP B 249 -28.15 15.62 -20.85
C ASP B 249 -27.61 14.74 -21.98
N LYS B 250 -26.49 15.12 -22.60
CA LYS B 250 -25.99 14.41 -23.81
C LYS B 250 -25.05 13.26 -23.49
N GLU B 251 -25.13 12.21 -24.29
CA GLU B 251 -24.20 11.08 -24.26
C GLU B 251 -22.73 11.44 -24.55
N GLU B 252 -22.53 12.53 -25.30
CA GLU B 252 -21.21 13.01 -25.76
C GLU B 252 -20.47 13.86 -24.72
N ASP B 253 -21.20 14.31 -23.69
CA ASP B 253 -20.63 15.18 -22.64
C ASP B 253 -19.55 14.50 -21.79
N LEU B 254 -19.49 13.16 -21.85
CA LEU B 254 -18.52 12.34 -21.09
C LEU B 254 -17.09 12.87 -21.11
N GLU B 255 -16.56 13.06 -22.30
CA GLU B 255 -15.22 13.59 -22.48
C GLU B 255 -15.01 14.86 -21.68
N GLN B 256 -15.99 15.75 -21.76
CA GLN B 256 -15.87 17.04 -21.18
C GLN B 256 -16.05 16.93 -19.67
N ILE B 257 -16.84 15.96 -19.22
CA ILE B 257 -17.08 15.80 -17.78
C ILE B 257 -15.88 15.28 -17.06
N VAL B 258 -15.20 14.33 -17.69
CA VAL B 258 -13.97 13.80 -17.12
C VAL B 258 -12.85 14.86 -17.08
N ASP B 259 -12.65 15.61 -18.18
CA ASP B 259 -11.58 16.62 -18.23
C ASP B 259 -11.74 17.76 -17.22
N ILE B 260 -12.98 18.10 -16.89
CA ILE B 260 -13.27 19.11 -15.87
C ILE B 260 -13.14 18.51 -14.47
N MET B 261 -13.55 17.27 -14.32
CA MET B 261 -13.44 16.58 -13.06
C MET B 261 -11.97 16.56 -12.54
N LEU B 262 -11.01 16.16 -13.37
CA LEU B 262 -9.65 15.84 -12.87
C LEU B 262 -8.95 16.87 -11.94
N PRO B 263 -8.94 18.17 -12.31
CA PRO B 263 -8.32 19.14 -11.41
C PRO B 263 -9.05 19.35 -10.11
N LEU B 264 -10.38 19.13 -10.10
CA LEU B 264 -11.17 19.26 -8.88
C LEU B 264 -11.06 18.04 -7.96
N ARG B 265 -10.48 16.95 -8.45
CA ARG B 265 -10.38 15.72 -7.69
C ARG B 265 -8.96 15.39 -7.25
N ILE B 266 -7.97 15.70 -8.08
CA ILE B 266 -6.62 15.21 -7.87
C ILE B 266 -6.02 15.59 -6.51
N ASN B 267 -6.46 16.68 -5.87
CA ASN B 267 -5.99 17.02 -4.52
C ASN B 267 -6.99 16.80 -3.46
N MET B 268 -7.90 15.86 -3.69
CA MET B 268 -8.97 15.53 -2.74
C MET B 268 -9.84 16.68 -2.29
N ALA B 269 -9.82 17.79 -3.03
CA ALA B 269 -10.61 18.98 -2.74
C ALA B 269 -10.74 19.80 -4.03
N PRO B 270 -11.91 20.33 -4.37
CA PRO B 270 -13.18 20.21 -3.62
C PRO B 270 -13.95 18.88 -3.75
N LEU B 271 -13.57 17.99 -4.66
CA LEU B 271 -14.19 16.66 -4.68
C LEU B 271 -13.47 15.78 -3.68
N GLN B 272 -14.07 15.60 -2.51
CA GLN B 272 -13.43 14.88 -1.40
C GLN B 272 -13.61 13.37 -1.42
N ASN B 273 -14.85 12.98 -1.69
CA ASN B 273 -15.27 11.58 -1.75
C ASN B 273 -14.90 11.01 -3.12
N VAL B 274 -15.20 9.74 -3.32
CA VAL B 274 -15.00 9.09 -4.59
C VAL B 274 -16.24 9.34 -5.44
N PRO B 275 -16.19 10.29 -6.41
CA PRO B 275 -17.32 10.54 -7.28
C PRO B 275 -17.65 9.37 -8.16
N VAL B 276 -18.92 9.28 -8.57
CA VAL B 276 -19.30 8.25 -9.52
C VAL B 276 -20.02 8.92 -10.69
N LEU B 277 -19.75 8.45 -11.90
CA LEU B 277 -20.46 8.87 -13.10
C LEU B 277 -21.23 7.68 -13.66
N ARG B 278 -22.54 7.70 -13.49
CA ARG B 278 -23.42 6.61 -13.88
C ARG B 278 -24.21 6.99 -15.12
N ASN B 279 -24.38 6.07 -16.08
CA ASN B 279 -25.24 6.34 -17.24
C ASN B 279 -26.70 6.10 -16.91
N ILE B 280 -27.56 6.55 -17.80
CA ILE B 280 -29.01 6.46 -17.57
C ILE B 280 -29.47 5.01 -17.38
N PHE B 281 -28.76 4.08 -18.01
CA PHE B 281 -29.09 2.67 -17.91
C PHE B 281 -28.88 2.18 -16.49
N MET B 282 -27.69 2.42 -15.95
CA MET B 282 -27.37 2.10 -14.55
C MET B 282 -28.47 2.64 -13.62
N ASP B 283 -28.81 3.93 -13.74
CA ASP B 283 -29.79 4.56 -12.86
C ASP B 283 -31.27 4.15 -13.06
N ALA B 284 -31.67 3.92 -14.32
CA ALA B 284 -33.03 3.41 -14.61
C ALA B 284 -33.26 2.06 -13.94
N ALA B 285 -32.39 1.09 -14.22
CA ALA B 285 -32.46 -0.25 -13.63
C ALA B 285 -32.53 -0.28 -12.10
N ALA B 286 -31.90 0.69 -11.44
CA ALA B 286 -31.98 0.81 -9.99
C ALA B 286 -33.41 1.16 -9.49
N VAL B 287 -34.20 1.84 -10.34
CA VAL B 287 -35.58 2.26 -10.02
C VAL B 287 -36.71 1.66 -10.85
N SER B 288 -36.42 0.86 -11.87
CA SER B 288 -37.45 0.41 -12.80
C SER B 288 -37.09 -0.85 -13.56
N LYS B 289 -38.07 -1.43 -14.23
CA LYS B 289 -37.91 -2.61 -15.11
C LYS B 289 -37.73 -2.14 -16.56
N ARG B 290 -36.98 -2.92 -17.36
CA ARG B 290 -36.77 -2.60 -18.79
C ARG B 290 -38.08 -2.41 -19.56
N THR B 291 -39.04 -3.29 -19.27
CA THR B 291 -40.36 -3.24 -19.90
C THR B 291 -41.16 -1.94 -19.70
N GLU B 292 -40.83 -1.14 -18.70
CA GLU B 292 -41.45 0.18 -18.61
C GLU B 292 -41.13 1.09 -19.80
N TRP B 293 -39.98 0.85 -20.45
CA TRP B 293 -39.45 1.76 -21.48
C TRP B 293 -39.43 1.18 -22.89
N PHE B 294 -39.36 -0.14 -23.02
CA PHE B 294 -39.25 -0.81 -24.31
C PHE B 294 -39.47 -2.32 -24.10
N ASP B 295 -40.64 -2.80 -24.49
CA ASP B 295 -40.92 -4.25 -24.58
C ASP B 295 -40.39 -4.59 -25.96
N GLY B 296 -39.37 -5.45 -26.04
CA GLY B 296 -38.70 -5.76 -27.31
C GLY B 296 -37.42 -6.57 -27.17
N ASP B 297 -37.21 -7.52 -28.07
CA ASP B 297 -36.05 -8.40 -28.02
C ASP B 297 -34.71 -7.68 -28.09
N GLY B 298 -34.63 -6.58 -28.85
CA GLY B 298 -33.35 -5.95 -29.23
C GLY B 298 -32.80 -4.83 -28.35
N PRO B 299 -31.77 -4.09 -28.84
CA PRO B 299 -31.22 -2.96 -28.09
C PRO B 299 -32.20 -1.76 -28.06
N MET B 300 -32.11 -0.95 -27.02
CA MET B 300 -33.13 0.06 -26.74
C MET B 300 -33.00 1.27 -27.69
N PRO B 301 -34.04 1.53 -28.52
CA PRO B 301 -33.99 2.71 -29.43
C PRO B 301 -33.86 4.07 -28.70
N ALA B 302 -33.23 5.04 -29.37
CA ALA B 302 -32.99 6.37 -28.80
C ALA B 302 -34.25 7.07 -28.20
N GLU B 303 -35.42 6.87 -28.83
CA GLU B 303 -36.69 7.45 -28.32
C GLU B 303 -37.12 6.83 -26.98
N ALA B 304 -36.77 5.56 -26.76
CA ALA B 304 -36.90 4.95 -25.43
C ALA B 304 -35.84 5.47 -24.44
N ILE B 305 -34.62 5.75 -24.93
CA ILE B 305 -33.57 6.39 -24.11
C ILE B 305 -34.04 7.75 -23.59
N GLU B 306 -34.66 8.54 -24.47
CA GLU B 306 -35.08 9.89 -24.11
C GLU B 306 -36.25 9.88 -23.13
N ARG B 307 -37.19 8.93 -23.25
CA ARG B 307 -38.31 8.86 -22.29
C ARG B 307 -37.79 8.56 -20.89
N MET B 308 -36.86 7.60 -20.78
CA MET B 308 -36.15 7.30 -19.51
C MET B 308 -35.64 8.59 -18.83
N LYS B 309 -34.85 9.36 -19.58
CA LYS B 309 -34.34 10.66 -19.14
C LYS B 309 -35.43 11.62 -18.73
N LYS B 310 -36.47 11.71 -19.56
CA LYS B 310 -37.56 12.69 -19.35
C LYS B 310 -38.41 12.36 -18.12
N ASP B 311 -38.77 11.08 -17.93
CA ASP B 311 -39.62 10.68 -16.80
C ASP B 311 -38.85 10.71 -15.47
N LEU B 312 -37.65 10.13 -15.47
CA LEU B 312 -36.83 10.12 -14.28
C LEU B 312 -36.12 11.47 -14.01
N ASP B 313 -36.19 12.43 -14.94
CA ASP B 313 -35.57 13.75 -14.74
C ASP B 313 -34.06 13.56 -14.50
N LEU B 314 -33.46 12.73 -15.35
CA LEU B 314 -32.03 12.43 -15.29
C LEU B 314 -31.41 12.66 -16.65
N GLY B 315 -30.09 12.80 -16.66
CA GLY B 315 -29.31 12.94 -17.89
C GLY B 315 -28.77 11.59 -18.32
N PHE B 316 -28.14 11.54 -19.50
CA PHE B 316 -27.50 10.31 -19.96
C PHE B 316 -26.36 9.98 -19.01
N TRP B 317 -25.57 11.01 -18.68
CA TRP B 317 -24.53 10.88 -17.66
C TRP B 317 -24.95 11.62 -16.40
N ASN B 318 -24.80 10.93 -15.27
CA ASN B 318 -25.28 11.39 -13.98
C ASN B 318 -24.15 11.28 -12.92
N PHE B 319 -23.82 12.43 -12.31
CA PHE B 319 -22.62 12.56 -11.47
C PHE B 319 -22.97 12.71 -10.00
N TYR B 320 -22.46 11.81 -9.19
CA TYR B 320 -22.88 11.72 -7.79
C TYR B 320 -21.65 11.93 -6.92
N GLY B 321 -21.73 12.92 -6.04
CA GLY B 321 -20.63 13.29 -5.18
C GLY B 321 -21.12 13.67 -3.80
N THR B 322 -20.18 13.83 -2.88
CA THR B 322 -20.47 14.19 -1.50
C THR B 322 -19.33 15.02 -0.94
N LEU B 323 -19.75 15.95 -0.09
CA LEU B 323 -18.89 16.91 0.57
C LEU B 323 -19.04 16.73 2.08
N TYR B 324 -17.95 17.03 2.78
CA TYR B 324 -17.83 16.80 4.21
C TYR B 324 -17.13 17.96 4.88
N GLY B 325 -17.51 18.25 6.11
CA GLY B 325 -16.88 19.31 6.89
C GLY B 325 -17.88 20.28 7.49
N PRO B 326 -17.36 21.34 8.12
CA PRO B 326 -18.26 22.37 8.63
C PRO B 326 -19.04 23.01 7.48
N PRO B 327 -20.23 23.56 7.75
CA PRO B 327 -21.02 24.10 6.65
C PRO B 327 -20.43 25.23 5.75
N PRO B 328 -19.53 26.07 6.27
CA PRO B 328 -18.84 27.02 5.39
C PRO B 328 -18.00 26.38 4.28
N LEU B 329 -17.27 25.33 4.62
CA LEU B 329 -16.39 24.63 3.68
C LEU B 329 -17.15 23.95 2.58
N ILE B 330 -18.27 23.33 2.95
CA ILE B 330 -19.21 22.72 2.02
C ILE B 330 -19.73 23.72 1.00
N GLU B 331 -20.25 24.86 1.48
CA GLU B 331 -20.75 25.93 0.62
C GLU B 331 -19.67 26.39 -0.35
N MET B 332 -18.45 26.57 0.15
CA MET B 332 -17.26 26.93 -0.69
C MET B 332 -17.03 25.96 -1.81
N TYR B 333 -17.00 24.67 -1.47
CA TYR B 333 -16.62 23.61 -2.40
C TYR B 333 -17.74 23.26 -3.40
N TYR B 334 -18.99 23.31 -2.96
CA TYR B 334 -20.14 23.16 -3.85
C TYR B 334 -20.15 24.31 -4.85
N GLY B 335 -19.87 25.51 -4.34
CA GLY B 335 -19.66 26.69 -5.15
C GLY B 335 -18.77 26.42 -6.32
N MET B 336 -17.56 25.91 -6.04
CA MET B 336 -16.57 25.69 -7.10
C MET B 336 -17.00 24.59 -8.06
N ILE B 337 -17.66 23.56 -7.53
CA ILE B 337 -18.16 22.47 -8.36
C ILE B 337 -19.28 22.96 -9.29
N LYS B 338 -20.18 23.81 -8.80
CA LYS B 338 -21.19 24.43 -9.66
C LYS B 338 -20.52 25.16 -10.81
N GLU B 339 -19.60 26.06 -10.49
CA GLU B 339 -18.99 26.90 -11.51
C GLU B 339 -18.16 26.13 -12.56
N ALA B 340 -17.55 25.01 -12.18
CA ALA B 340 -16.73 24.21 -13.08
C ALA B 340 -17.56 23.35 -14.05
N PHE B 341 -18.50 22.58 -13.51
CA PHE B 341 -19.35 21.71 -14.33
C PHE B 341 -20.52 22.45 -14.98
N GLY B 342 -20.81 23.68 -14.54
CA GLY B 342 -21.74 24.53 -15.24
C GLY B 342 -21.25 25.13 -16.56
N LYS B 343 -19.98 24.95 -16.91
CA LYS B 343 -19.47 25.20 -18.28
C LYS B 343 -20.12 24.24 -19.30
N ILE B 344 -20.52 23.05 -18.89
CA ILE B 344 -21.08 22.10 -19.83
C ILE B 344 -22.57 22.43 -20.07
N PRO B 345 -22.98 22.59 -21.37
CA PRO B 345 -24.39 22.93 -21.65
C PRO B 345 -25.40 21.82 -21.32
N GLY B 346 -26.58 22.20 -20.84
CA GLY B 346 -27.59 21.24 -20.38
C GLY B 346 -27.42 20.68 -18.98
N ALA B 347 -26.30 20.98 -18.33
CA ALA B 347 -25.93 20.42 -17.02
C ALA B 347 -26.72 21.10 -15.91
N ARG B 348 -27.38 20.30 -15.06
CA ARG B 348 -28.28 20.79 -14.01
C ARG B 348 -27.90 20.12 -12.69
N PHE B 349 -28.03 20.87 -11.60
CA PHE B 349 -27.53 20.47 -10.28
C PHE B 349 -28.64 20.26 -9.26
N PHE B 350 -28.46 19.25 -8.40
CA PHE B 350 -29.39 18.95 -7.32
C PHE B 350 -28.61 18.51 -6.06
N THR B 351 -29.08 18.92 -4.88
CA THR B 351 -28.56 18.39 -3.61
C THR B 351 -29.55 17.36 -3.03
N HIS B 352 -29.17 16.70 -1.94
CA HIS B 352 -30.00 15.64 -1.33
C HIS B 352 -31.31 16.14 -0.72
N GLU B 353 -31.33 17.40 -0.29
CA GLU B 353 -32.55 18.05 0.15
C GLU B 353 -33.49 18.38 -1.01
N GLU B 354 -32.97 18.52 -2.23
CA GLU B 354 -33.74 19.06 -3.36
C GLU B 354 -34.56 18.06 -4.18
N ARG B 355 -34.51 16.77 -3.89
CA ARG B 355 -35.20 15.78 -4.74
C ARG B 355 -35.92 14.70 -3.93
N ASP B 356 -37.24 14.57 -4.10
CA ASP B 356 -38.03 13.41 -3.57
C ASP B 356 -38.67 12.47 -4.62
N ASP B 357 -38.53 12.81 -5.91
CA ASP B 357 -39.08 11.99 -7.01
C ASP B 357 -38.38 10.65 -7.13
N ARG B 358 -38.83 9.83 -8.07
CA ARG B 358 -38.29 8.48 -8.22
C ARG B 358 -36.89 8.47 -8.81
N GLY B 359 -36.63 9.31 -9.81
CA GLY B 359 -35.27 9.41 -10.35
C GLY B 359 -34.23 9.79 -9.31
N GLY B 360 -34.67 10.54 -8.29
CA GLY B 360 -33.84 10.92 -7.15
C GLY B 360 -33.55 9.85 -6.11
N HIS B 361 -34.18 8.67 -6.17
CA HIS B 361 -33.93 7.61 -5.18
C HIS B 361 -32.47 7.11 -5.20
N VAL B 362 -31.79 7.29 -6.33
CA VAL B 362 -30.40 6.89 -6.47
C VAL B 362 -29.55 7.87 -5.66
N LEU B 363 -29.86 9.16 -5.75
CA LEU B 363 -29.13 10.17 -4.97
C LEU B 363 -29.27 9.89 -3.50
N GLN B 364 -30.46 9.55 -3.04
CA GLN B 364 -30.66 9.22 -1.63
C GLN B 364 -29.89 7.95 -1.22
N ASP B 365 -29.81 6.97 -2.11
CA ASP B 365 -28.95 5.80 -1.88
C ASP B 365 -27.46 6.14 -1.88
N ARG B 366 -27.02 7.07 -2.73
CA ARG B 366 -25.60 7.50 -2.68
C ARG B 366 -25.29 8.27 -1.38
N HIS B 367 -26.23 9.12 -0.94
CA HIS B 367 -26.06 9.89 0.29
C HIS B 367 -25.92 9.00 1.52
N LYS B 368 -26.46 7.78 1.49
CA LYS B 368 -26.25 6.82 2.60
C LYS B 368 -24.84 6.23 2.48
N ILE B 369 -24.58 5.56 1.34
CA ILE B 369 -23.28 4.93 1.04
C ILE B 369 -22.07 5.86 1.21
N ASN B 370 -22.14 7.06 0.65
CA ASN B 370 -21.07 8.06 0.82
C ASN B 370 -20.88 8.55 2.25
N ASN B 371 -21.86 8.31 3.11
CA ASN B 371 -21.74 8.57 4.53
C ASN B 371 -21.58 7.27 5.36
N GLY B 372 -21.14 6.18 4.73
CA GLY B 372 -20.96 4.91 5.45
C GLY B 372 -22.19 4.32 6.14
N ILE B 373 -23.36 4.45 5.50
CA ILE B 373 -24.60 3.81 5.91
C ILE B 373 -24.89 2.70 4.89
N PRO B 374 -24.63 1.44 5.25
CA PRO B 374 -24.75 0.37 4.27
C PRO B 374 -26.17 0.19 3.77
N SER B 375 -26.33 -0.48 2.64
CA SER B 375 -27.62 -0.56 1.95
C SER B 375 -27.67 -1.70 0.98
N LEU B 376 -28.90 -2.01 0.57
CA LEU B 376 -29.17 -3.05 -0.38
C LEU B 376 -30.07 -2.57 -1.49
N ASP B 377 -30.22 -1.25 -1.69
CA ASP B 377 -31.15 -0.69 -2.70
C ASP B 377 -30.77 -1.02 -4.14
N GLU B 378 -29.46 -1.16 -4.37
CA GLU B 378 -28.94 -1.48 -5.70
C GLU B 378 -29.25 -2.93 -6.11
N LEU B 379 -29.79 -3.75 -5.21
CA LEU B 379 -30.34 -5.05 -5.61
C LEU B 379 -31.44 -4.93 -6.65
N GLN B 380 -32.26 -3.88 -6.54
CA GLN B 380 -33.39 -3.67 -7.45
C GLN B 380 -32.96 -3.66 -8.91
N LEU B 381 -31.73 -3.20 -9.16
CA LEU B 381 -31.00 -3.37 -10.43
C LEU B 381 -31.22 -4.75 -11.13
N LEU B 382 -31.21 -5.84 -10.37
CA LEU B 382 -31.41 -7.15 -10.98
C LEU B 382 -32.86 -7.41 -11.50
N ASP B 383 -33.83 -6.60 -11.11
CA ASP B 383 -35.19 -6.69 -11.67
C ASP B 383 -35.23 -6.41 -13.15
N TRP B 384 -34.58 -5.34 -13.59
CA TRP B 384 -34.52 -4.90 -15.00
C TRP B 384 -35.04 -5.89 -16.06
N VAL B 385 -34.63 -7.16 -15.95
CA VAL B 385 -35.19 -8.29 -16.72
C VAL B 385 -35.51 -9.51 -15.81
N PRO B 386 -36.35 -10.44 -16.30
CA PRO B 386 -36.62 -11.64 -15.49
C PRO B 386 -35.34 -12.38 -15.12
N ASN B 387 -35.31 -12.89 -13.88
CA ASN B 387 -34.18 -13.69 -13.36
C ASN B 387 -32.85 -12.98 -13.55
N GLY B 388 -32.83 -11.70 -13.19
CA GLY B 388 -31.68 -10.86 -13.45
C GLY B 388 -30.46 -11.36 -12.70
N GLY B 389 -29.35 -11.41 -13.44
CA GLY B 389 -28.01 -11.50 -12.89
C GLY B 389 -27.16 -10.49 -13.63
N HIS B 390 -26.02 -10.10 -13.05
CA HIS B 390 -24.99 -9.33 -13.75
C HIS B 390 -23.64 -10.02 -13.70
N ILE B 391 -22.77 -9.48 -14.53
CA ILE B 391 -21.35 -9.80 -14.51
C ILE B 391 -20.66 -8.45 -14.59
N GLY B 392 -19.45 -8.40 -14.04
CA GLY B 392 -18.61 -7.21 -14.06
C GLY B 392 -17.43 -7.30 -15.01
N PHE B 393 -17.47 -6.41 -16.02
CA PHE B 393 -16.31 -6.11 -16.83
C PHE B 393 -15.93 -4.76 -16.34
N SER B 394 -14.75 -4.69 -15.70
CA SER B 394 -14.26 -3.50 -14.98
C SER B 394 -12.85 -3.03 -15.42
N PRO B 395 -12.74 -2.42 -16.61
CA PRO B 395 -11.47 -1.82 -17.02
C PRO B 395 -11.05 -0.61 -16.21
N VAL B 396 -9.75 -0.43 -16.09
CA VAL B 396 -9.17 0.76 -15.51
C VAL B 396 -8.96 1.77 -16.64
N SER B 397 -9.31 3.02 -16.36
CA SER B 397 -9.07 4.11 -17.28
C SER B 397 -8.22 5.19 -16.63
N ALA B 398 -7.35 5.81 -17.41
CA ALA B 398 -6.82 7.14 -17.07
C ALA B 398 -8.00 8.13 -16.93
N PRO B 399 -7.91 9.10 -16.01
CA PRO B 399 -8.99 10.08 -15.81
C PRO B 399 -8.92 11.19 -16.86
N ASP B 400 -9.16 10.77 -18.09
CA ASP B 400 -9.05 11.57 -19.29
C ASP B 400 -10.32 11.38 -20.09
N GLY B 401 -10.89 12.47 -20.56
CA GLY B 401 -12.14 12.43 -21.28
C GLY B 401 -12.09 11.65 -22.56
N ARG B 402 -11.02 11.82 -23.32
CA ARG B 402 -10.90 11.12 -24.58
C ARG B 402 -10.82 9.62 -24.34
N GLU B 403 -9.96 9.16 -23.41
CA GLU B 403 -9.83 7.73 -23.12
C GLU B 403 -11.09 7.09 -22.54
N ALA B 404 -11.92 7.90 -21.87
CA ALA B 404 -13.20 7.44 -21.34
C ALA B 404 -14.34 7.32 -22.39
N MET B 405 -14.28 8.11 -23.48
CA MET B 405 -15.20 7.93 -24.61
C MET B 405 -14.83 6.73 -25.44
N LYS B 406 -13.52 6.51 -25.65
CA LYS B 406 -13.04 5.36 -26.42
C LYS B 406 -13.40 4.03 -25.77
N GLN B 407 -13.23 3.90 -24.45
CA GLN B 407 -13.68 2.71 -23.69
C GLN B 407 -15.21 2.56 -23.73
N PHE B 408 -15.92 3.68 -23.63
CA PHE B 408 -17.38 3.69 -23.67
C PHE B 408 -17.99 3.22 -25.00
N GLU B 409 -17.51 3.76 -26.12
CA GLU B 409 -17.99 3.37 -27.46
C GLU B 409 -17.65 1.90 -27.77
N MET B 410 -16.36 1.56 -27.68
CA MET B 410 -15.86 0.16 -27.72
C MET B 410 -16.73 -0.85 -26.98
N VAL B 411 -17.15 -0.50 -25.77
CA VAL B 411 -17.99 -1.37 -24.93
C VAL B 411 -19.43 -1.35 -25.41
N ARG B 412 -19.98 -0.15 -25.66
CA ARG B 412 -21.31 0.02 -26.24
C ARG B 412 -21.53 -0.76 -27.56
N ASN B 413 -20.54 -0.73 -28.46
CA ASN B 413 -20.68 -1.45 -29.74
C ASN B 413 -20.88 -2.94 -29.55
N ARG B 414 -20.06 -3.53 -28.69
CA ARG B 414 -20.21 -4.95 -28.35
C ARG B 414 -21.49 -5.25 -27.58
N ALA B 415 -21.93 -4.30 -26.77
CA ALA B 415 -23.19 -4.45 -26.05
C ALA B 415 -24.36 -4.57 -27.03
N ASN B 416 -24.34 -3.75 -28.09
CA ASN B 416 -25.40 -3.75 -29.08
C ASN B 416 -25.33 -4.98 -29.98
N GLU B 417 -24.12 -5.35 -30.40
CA GLU B 417 -23.90 -6.56 -31.21
C GLU B 417 -24.41 -7.82 -30.55
N TYR B 418 -24.22 -7.96 -29.24
CA TYR B 418 -24.67 -9.14 -28.51
C TYR B 418 -26.03 -9.00 -27.81
N ASN B 419 -26.69 -7.86 -28.00
CA ASN B 419 -28.03 -7.54 -27.44
C ASN B 419 -28.14 -7.35 -25.92
N LYS B 420 -27.04 -6.92 -25.30
CA LYS B 420 -26.99 -6.78 -23.85
C LYS B 420 -26.94 -5.32 -23.51
N ASP B 421 -27.60 -4.94 -22.43
CA ASP B 421 -27.65 -3.53 -22.06
C ASP B 421 -26.43 -3.15 -21.26
N TYR B 422 -25.93 -1.97 -21.58
CA TYR B 422 -24.70 -1.45 -21.03
C TYR B 422 -25.00 -0.42 -19.93
N ALA B 423 -24.82 -0.85 -18.68
CA ALA B 423 -24.92 -0.01 -17.49
C ALA B 423 -23.47 0.30 -17.06
N ALA B 424 -23.15 1.57 -16.90
CA ALA B 424 -21.77 2.03 -16.71
C ALA B 424 -21.68 2.90 -15.48
N GLN B 425 -20.64 2.70 -14.69
CA GLN B 425 -20.35 3.56 -13.55
C GLN B 425 -18.86 3.77 -13.53
N PHE B 426 -18.42 4.99 -13.81
CA PHE B 426 -17.00 5.40 -13.63
C PHE B 426 -16.77 5.77 -12.17
N ILE B 427 -15.95 4.97 -11.47
CA ILE B 427 -15.58 5.21 -10.07
C ILE B 427 -14.26 5.95 -10.14
N ILE B 428 -14.19 7.14 -9.54
CA ILE B 428 -13.10 8.07 -9.83
C ILE B 428 -12.14 8.24 -8.66
N GLY B 429 -10.93 7.70 -8.81
CA GLY B 429 -9.89 7.86 -7.81
C GLY B 429 -9.13 9.14 -8.05
N LEU B 430 -7.95 9.25 -7.47
CA LEU B 430 -7.10 10.41 -7.63
C LEU B 430 -6.57 10.52 -9.06
N ARG B 431 -5.92 9.44 -9.51
CA ARG B 431 -5.17 9.44 -10.79
C ARG B 431 -5.65 8.38 -11.79
N GLU B 432 -6.80 7.78 -11.51
CA GLU B 432 -7.31 6.68 -12.29
C GLU B 432 -8.82 6.58 -12.05
N MET B 433 -9.49 5.82 -12.92
CA MET B 433 -10.89 5.50 -12.79
C MET B 433 -11.07 3.99 -12.94
N HIS B 434 -11.95 3.43 -12.13
CA HIS B 434 -12.43 2.10 -12.36
C HIS B 434 -13.69 2.32 -13.26
N HIS B 435 -13.63 1.89 -14.52
CA HIS B 435 -14.78 1.93 -15.44
C HIS B 435 -15.57 0.59 -15.38
N VAL B 436 -16.53 0.53 -14.47
CA VAL B 436 -17.29 -0.68 -14.21
C VAL B 436 -18.48 -0.79 -15.16
N CYS B 437 -18.53 -1.88 -15.91
CA CYS B 437 -19.59 -2.15 -16.86
C CYS B 437 -20.33 -3.34 -16.33
N LEU B 438 -21.58 -3.11 -15.94
CA LEU B 438 -22.51 -4.15 -15.56
C LEU B 438 -23.37 -4.46 -16.78
N PHE B 439 -23.39 -5.73 -17.14
CA PHE B 439 -24.28 -6.23 -18.13
C PHE B 439 -25.28 -7.12 -17.45
N ILE B 440 -26.54 -6.69 -17.46
CA ILE B 440 -27.64 -7.44 -16.83
C ILE B 440 -28.33 -8.35 -17.88
N TYR B 441 -28.70 -9.55 -17.44
CA TYR B 441 -29.23 -10.58 -18.35
C TYR B 441 -30.09 -11.56 -17.60
N ASP B 442 -30.91 -12.28 -18.36
CA ASP B 442 -31.72 -13.38 -17.90
C ASP B 442 -30.80 -14.61 -17.74
N THR B 443 -30.56 -14.99 -16.48
CA THR B 443 -29.69 -16.13 -16.14
C THR B 443 -30.32 -17.49 -16.37
N ALA B 444 -31.63 -17.52 -16.60
CA ALA B 444 -32.30 -18.77 -16.93
C ALA B 444 -32.15 -19.13 -18.42
N ILE B 445 -32.14 -18.16 -19.33
CA ILE B 445 -31.98 -18.45 -20.79
C ILE B 445 -30.50 -18.81 -21.04
N PRO B 446 -30.22 -20.02 -21.58
CA PRO B 446 -28.82 -20.47 -21.80
C PRO B 446 -28.06 -19.84 -22.97
N GLU B 447 -28.80 -19.31 -23.95
CA GLU B 447 -28.24 -18.45 -25.02
C GLU B 447 -27.74 -17.11 -24.48
N ALA B 448 -28.49 -16.52 -23.54
CA ALA B 448 -28.11 -15.24 -22.90
C ALA B 448 -26.87 -15.41 -22.01
N ARG B 449 -26.82 -16.52 -21.29
CA ARG B 449 -25.65 -16.86 -20.49
C ARG B 449 -24.43 -17.04 -21.38
N GLU B 450 -24.65 -17.65 -22.53
CA GLU B 450 -23.58 -17.89 -23.50
C GLU B 450 -23.16 -16.61 -24.23
N GLU B 451 -24.11 -15.75 -24.58
CA GLU B 451 -23.79 -14.45 -25.19
C GLU B 451 -22.89 -13.64 -24.27
N ILE B 452 -23.26 -13.57 -23.00
CA ILE B 452 -22.45 -12.90 -21.97
C ILE B 452 -21.00 -13.38 -21.94
N LEU B 453 -20.77 -14.69 -21.83
CA LEU B 453 -19.40 -15.22 -21.71
C LEU B 453 -18.54 -14.91 -22.93
N GLN B 454 -19.10 -15.15 -24.11
CA GLN B 454 -18.44 -14.85 -25.38
C GLN B 454 -18.21 -13.32 -25.56
N MET B 455 -19.17 -12.50 -25.14
CA MET B 455 -19.05 -11.04 -25.27
C MET B 455 -17.92 -10.47 -24.43
N THR B 456 -17.86 -10.93 -23.19
CA THR B 456 -16.87 -10.41 -22.24
C THR B 456 -15.49 -10.91 -22.62
N LYS B 457 -15.43 -12.14 -23.16
CA LYS B 457 -14.21 -12.69 -23.76
C LYS B 457 -13.70 -11.80 -24.89
N VAL B 458 -14.60 -11.33 -25.77
CA VAL B 458 -14.24 -10.37 -26.81
C VAL B 458 -13.75 -9.08 -26.16
N LEU B 459 -14.57 -8.52 -25.26
CA LEU B 459 -14.20 -7.28 -24.55
C LEU B 459 -12.81 -7.30 -23.87
N VAL B 460 -12.47 -8.38 -23.20
CA VAL B 460 -11.15 -8.47 -22.55
C VAL B 460 -10.00 -8.42 -23.55
N ARG B 461 -10.18 -9.08 -24.68
CA ARG B 461 -9.18 -9.15 -25.72
C ARG B 461 -9.05 -7.80 -26.46
N GLU B 462 -10.19 -7.14 -26.74
CA GLU B 462 -10.24 -5.86 -27.47
C GLU B 462 -9.74 -4.73 -26.61
N ALA B 463 -10.04 -4.81 -25.31
CA ALA B 463 -9.56 -3.80 -24.33
C ALA B 463 -8.03 -3.84 -24.18
N ALA B 464 -7.45 -5.04 -24.17
CA ALA B 464 -5.98 -5.21 -24.06
C ALA B 464 -5.20 -4.83 -25.34
N GLU B 465 -5.74 -5.19 -26.51
CA GLU B 465 -5.26 -4.68 -27.82
C GLU B 465 -5.15 -3.13 -27.83
N ALA B 466 -6.14 -2.45 -27.22
CA ALA B 466 -6.19 -0.98 -27.11
C ALA B 466 -5.45 -0.37 -25.89
N GLY B 467 -4.89 -1.21 -25.01
CA GLY B 467 -4.03 -0.75 -23.89
C GLY B 467 -4.65 -0.67 -22.50
N TYR B 468 -5.72 -1.42 -22.29
CA TYR B 468 -6.49 -1.37 -21.07
C TYR B 468 -6.61 -2.75 -20.42
N GLY B 469 -6.37 -2.79 -19.11
CA GLY B 469 -6.53 -3.99 -18.31
C GLY B 469 -7.64 -3.82 -17.31
N GLU B 470 -8.07 -4.94 -16.76
CA GLU B 470 -9.11 -4.98 -15.73
C GLU B 470 -8.51 -5.03 -14.33
N TYR B 471 -9.15 -4.30 -13.41
CA TYR B 471 -8.82 -4.26 -11.99
C TYR B 471 -9.27 -5.56 -11.23
N ARG B 472 -10.33 -6.19 -11.74
CA ARG B 472 -11.01 -7.30 -11.05
C ARG B 472 -11.75 -8.06 -12.15
N THR B 473 -12.00 -9.36 -12.00
CA THR B 473 -12.84 -10.07 -12.98
C THR B 473 -13.54 -11.32 -12.46
N HIS B 474 -14.43 -11.84 -13.31
CA HIS B 474 -15.19 -13.07 -13.03
C HIS B 474 -14.31 -14.30 -13.18
N ASN B 475 -14.56 -15.34 -12.37
CA ASN B 475 -13.95 -16.67 -12.55
C ASN B 475 -13.76 -17.00 -14.03
N ALA B 476 -14.86 -17.19 -14.75
CA ALA B 476 -14.95 -17.19 -16.23
C ALA B 476 -13.83 -16.53 -17.04
N LEU B 477 -13.46 -15.31 -16.67
CA LEU B 477 -12.46 -14.50 -17.41
C LEU B 477 -11.05 -14.45 -16.80
N MET B 478 -10.79 -15.23 -15.75
CA MET B 478 -9.57 -15.02 -14.95
C MET B 478 -8.30 -15.38 -15.72
N ASP B 479 -8.32 -16.53 -16.40
CA ASP B 479 -7.23 -16.92 -17.27
C ASP B 479 -6.99 -15.90 -18.36
N ASP B 480 -8.07 -15.33 -18.90
CA ASP B 480 -8.00 -14.43 -20.09
C ASP B 480 -7.51 -13.05 -19.75
N VAL B 481 -7.97 -12.53 -18.61
CA VAL B 481 -7.45 -11.30 -18.05
C VAL B 481 -5.96 -11.47 -17.77
N MET B 482 -5.55 -12.55 -17.09
CA MET B 482 -4.11 -12.66 -16.73
C MET B 482 -3.16 -12.79 -17.97
N ALA B 483 -3.69 -13.34 -19.06
CA ALA B 483 -2.95 -13.41 -20.33
C ALA B 483 -2.71 -12.03 -20.96
N THR B 484 -3.55 -11.05 -20.66
CA THR B 484 -3.33 -9.68 -21.15
C THR B 484 -2.15 -8.96 -20.50
N PHE B 485 -1.83 -9.29 -19.23
CA PHE B 485 -0.68 -8.69 -18.50
C PHE B 485 0.58 -9.51 -18.78
N ASN B 486 0.97 -9.56 -20.05
CA ASN B 486 2.03 -10.47 -20.50
C ASN B 486 3.32 -9.80 -20.96
N TRP B 487 3.49 -8.52 -20.62
CA TRP B 487 4.79 -7.87 -20.73
C TRP B 487 5.92 -8.81 -20.32
N GLY B 488 6.98 -8.85 -21.13
CA GLY B 488 8.19 -9.61 -20.83
C GLY B 488 8.05 -11.10 -21.02
N ASP B 489 7.27 -11.48 -22.04
CA ASP B 489 6.98 -12.87 -22.35
C ASP B 489 6.24 -13.50 -21.12
N GLY B 490 5.24 -12.80 -20.61
CA GLY B 490 4.51 -13.22 -19.41
C GLY B 490 5.34 -13.26 -18.14
N ALA B 491 6.22 -12.28 -17.97
CA ALA B 491 7.09 -12.15 -16.77
C ALA B 491 6.33 -12.13 -15.45
N LEU B 492 5.20 -11.42 -15.39
CA LEU B 492 4.39 -11.37 -14.16
C LEU B 492 3.81 -12.72 -13.71
N LEU B 493 3.19 -13.45 -14.63
CA LEU B 493 2.62 -14.74 -14.32
C LEU B 493 3.68 -15.76 -13.91
N LYS B 494 4.83 -15.79 -14.58
CA LYS B 494 5.92 -16.70 -14.17
C LYS B 494 6.33 -16.43 -12.74
N PHE B 495 6.32 -15.15 -12.36
CA PHE B 495 6.64 -14.74 -10.99
C PHE B 495 5.65 -15.27 -9.97
N HIS B 496 4.36 -15.06 -10.25
CA HIS B 496 3.28 -15.48 -9.33
C HIS B 496 3.20 -16.98 -9.12
N GLU B 497 3.56 -17.72 -10.16
CA GLU B 497 3.60 -19.18 -10.17
C GLU B 497 4.76 -19.77 -9.41
N LYS B 498 5.92 -19.14 -9.53
CA LYS B 498 7.09 -19.54 -8.77
C LYS B 498 6.86 -19.32 -7.28
N ILE B 499 6.10 -18.30 -6.93
CA ILE B 499 5.74 -18.04 -5.54
C ILE B 499 4.67 -19.00 -5.04
N LYS B 500 3.62 -19.16 -5.82
CA LYS B 500 2.59 -20.18 -5.58
C LYS B 500 3.21 -21.57 -5.32
N ASP B 501 4.13 -21.98 -6.19
CA ASP B 501 4.74 -23.32 -6.08
C ASP B 501 5.70 -23.50 -4.89
N ALA B 502 6.28 -22.42 -4.39
CA ALA B 502 7.11 -22.49 -3.19
C ALA B 502 6.29 -22.67 -1.91
N LEU B 503 5.21 -21.90 -1.78
CA LEU B 503 4.35 -21.90 -0.56
C LEU B 503 3.33 -23.03 -0.53
N ASP B 504 3.00 -23.53 -1.73
CA ASP B 504 2.02 -24.56 -1.92
C ASP B 504 2.54 -25.67 -2.84
N PRO B 505 3.50 -26.48 -2.36
CA PRO B 505 3.95 -27.62 -3.15
C PRO B 505 2.87 -28.59 -3.62
N ASN B 506 1.76 -28.74 -2.91
CA ASN B 506 0.72 -29.70 -3.28
C ASN B 506 -0.52 -29.13 -3.97
N GLY B 507 -0.54 -27.83 -4.26
CA GLY B 507 -1.58 -27.24 -5.08
C GLY B 507 -2.96 -27.25 -4.45
N ILE B 508 -3.04 -26.73 -3.24
CA ILE B 508 -4.23 -26.82 -2.40
C ILE B 508 -5.14 -25.59 -2.47
N ILE B 509 -4.59 -24.39 -2.32
CA ILE B 509 -5.41 -23.19 -2.16
C ILE B 509 -5.89 -22.59 -3.51
N ALA B 510 -7.18 -22.19 -3.53
CA ALA B 510 -7.97 -21.70 -4.71
C ALA B 510 -7.24 -21.66 -6.02
N PRO B 511 -6.88 -22.85 -6.55
CA PRO B 511 -6.09 -22.87 -7.76
C PRO B 511 -6.87 -22.27 -8.91
N GLY B 512 -6.16 -21.50 -9.74
CA GLY B 512 -6.74 -20.80 -10.88
C GLY B 512 -7.20 -19.39 -10.58
N LYS B 513 -7.33 -19.07 -9.31
CA LYS B 513 -7.63 -17.71 -8.87
C LYS B 513 -6.63 -16.74 -9.55
N SER B 514 -7.16 -15.70 -10.17
CA SER B 514 -6.36 -14.72 -10.90
C SER B 514 -5.49 -15.33 -12.01
N GLY B 515 -5.94 -16.43 -12.60
CA GLY B 515 -5.21 -17.10 -13.65
C GLY B 515 -3.94 -17.77 -13.19
N ILE B 516 -3.80 -18.00 -11.88
CA ILE B 516 -2.59 -18.59 -11.28
C ILE B 516 -2.84 -20.02 -10.83
N TRP B 517 -2.28 -20.96 -11.59
CA TRP B 517 -2.45 -22.41 -11.42
C TRP B 517 -1.14 -22.99 -10.90
N SER B 518 -1.23 -23.85 -9.89
CA SER B 518 -0.04 -24.56 -9.41
C SER B 518 0.38 -25.63 -10.44
N GLN B 519 1.59 -26.15 -10.23
CA GLN B 519 2.28 -27.11 -11.13
C GLN B 519 1.38 -28.27 -11.59
N ARG B 520 0.73 -28.93 -10.65
CA ARG B 520 -0.09 -30.08 -11.01
C ARG B 520 -1.30 -29.79 -11.89
N PHE B 521 -1.72 -28.53 -12.04
CA PHE B 521 -2.83 -28.18 -12.93
C PHE B 521 -2.42 -27.48 -14.20
N ARG B 522 -1.14 -27.19 -14.40
CA ARG B 522 -0.74 -26.32 -15.52
C ARG B 522 -0.87 -26.99 -16.89
N GLY B 523 -1.29 -26.20 -17.88
CA GLY B 523 -1.45 -26.68 -19.24
C GLY B 523 -2.58 -27.69 -19.35
N GLN B 524 -3.75 -27.33 -18.84
CA GLN B 524 -4.91 -28.18 -18.83
C GLN B 524 -6.14 -27.36 -19.14
N ASN B 525 -7.18 -28.01 -19.65
CA ASN B 525 -8.48 -27.38 -19.84
C ASN B 525 -9.29 -27.56 -18.58
N LEU B 526 -9.18 -26.57 -17.71
CA LEU B 526 -9.99 -26.43 -16.50
C LEU B 526 -10.58 -25.01 -16.48
PA FAD C . 20.40 3.81 -1.06
O1A FAD C . 21.55 3.85 -0.10
O2A FAD C . 20.76 3.90 -2.54
O5B FAD C . 19.49 2.51 -0.86
C5B FAD C . 18.82 2.18 0.37
C4B FAD C . 18.60 0.68 0.40
O4B FAD C . 17.50 0.33 -0.45
C3B FAD C . 19.79 -0.09 -0.16
O3B FAD C . 20.76 -0.31 0.83
C2B FAD C . 19.18 -1.35 -0.63
O2B FAD C . 18.98 -2.15 0.51
C1B FAD C . 17.87 -0.85 -1.17
N9A FAD C . 18.00 -0.49 -2.59
C8A FAD C . 18.38 0.69 -3.08
N7A FAD C . 18.35 0.72 -4.43
C5A FAD C . 17.93 -0.47 -4.81
C6A FAD C . 17.70 -1.11 -6.09
N6A FAD C . 17.92 -0.41 -7.21
N1A FAD C . 17.29 -2.38 -6.09
C2A FAD C . 17.07 -3.07 -4.95
N3A FAD C . 17.26 -2.54 -3.74
C4A FAD C . 17.69 -1.28 -3.60
N1 FAD C . 16.07 8.88 5.92
C2 FAD C . 14.80 9.20 5.66
O2 FAD C . 14.09 8.39 5.04
N3 FAD C . 14.22 10.35 6.04
C4 FAD C . 14.91 11.29 6.70
O4 FAD C . 14.32 12.34 7.03
C4X FAD C . 16.33 11.01 7.02
N5 FAD C . 17.08 11.90 7.71
C5X FAD C . 18.36 11.61 7.97
C6 FAD C . 19.08 12.53 8.68
C7 FAD C . 20.42 12.29 8.99
C7M FAD C . 21.18 13.34 9.75
C8 FAD C . 21.07 11.03 8.55
C8M FAD C . 22.53 10.73 8.95
C9 FAD C . 20.33 10.11 7.86
C9A FAD C . 19.00 10.33 7.55
N10 FAD C . 18.22 9.39 6.83
C10 FAD C . 16.88 9.73 6.58
C1' FAD C . 18.74 8.08 6.36
C2' FAD C . 19.26 8.01 4.90
O2' FAD C . 20.41 8.81 4.71
C3' FAD C . 18.25 8.36 3.79
O3' FAD C . 17.12 7.49 3.92
C4' FAD C . 18.80 8.20 2.37
O4' FAD C . 17.92 8.79 1.39
C5' FAD C . 19.00 6.73 1.99
O5' FAD C . 20.06 6.58 1.03
P FAD C . 19.69 6.51 -0.53
O1P FAD C . 20.92 6.80 -1.34
O2P FAD C . 18.49 7.39 -0.74
O3P FAD C . 19.29 4.94 -0.61
CAI V55 D . 15.76 10.66 10.22
CAG V55 D . 16.82 9.74 10.21
CAK V55 D . 16.57 8.39 9.92
CAJ V55 D . 15.27 7.95 9.62
CAF V55 D . 14.23 8.87 9.61
OAB V55 D . 17.01 12.49 10.88
CAE V55 D . 14.47 10.20 9.90
CAD V55 D . 15.95 12.02 10.48
CAA V55 D . 18.57 7.55 10.86
OAH V55 D . 17.55 7.44 9.87
OAC V55 D . 15.05 6.63 9.36
C1 GOL E . 22.07 -15.49 11.26
O1 GOL E . 23.37 -14.86 11.31
C2 GOL E . 22.12 -16.88 10.59
O2 GOL E . 23.28 -16.98 9.76
C3 GOL E . 20.88 -17.19 9.72
O3 GOL E . 19.61 -16.81 10.28
PA FAD F . -16.33 -12.97 -0.67
O1A FAD F . -17.33 -13.38 -1.72
O2A FAD F . -16.31 -13.74 0.62
O5B FAD F . -14.86 -13.20 -1.22
C5B FAD F . -14.23 -12.33 -2.14
C4B FAD F . -12.98 -13.03 -2.70
O4B FAD F . -11.82 -12.70 -1.91
C3B FAD F . -13.08 -14.55 -2.73
O3B FAD F . -13.62 -14.93 -3.98
C2B FAD F . -11.63 -14.96 -2.51
O2B FAD F . -10.92 -14.97 -3.74
C1B FAD F . -11.05 -13.87 -1.64
N9A FAD F . -11.19 -14.20 -0.21
C8A FAD F . -12.27 -13.98 0.56
N7A FAD F . -12.09 -14.41 1.81
C5A FAD F . -10.86 -14.92 1.86
C6A FAD F . -10.06 -15.53 2.92
N6A FAD F . -10.59 -15.65 4.16
N1A FAD F . -8.81 -15.95 2.58
C2A FAD F . -8.29 -15.80 1.32
N3A FAD F . -8.99 -15.24 0.31
C4A FAD F . -10.26 -14.80 0.52
N1 FAD F . -17.95 -4.49 -5.25
C2 FAD F . -17.35 -3.40 -4.75
O2 FAD F . -16.19 -3.55 -4.33
N3 FAD F . -17.93 -2.19 -4.68
C4 FAD F . -19.17 -1.99 -5.10
O4 FAD F . -19.74 -0.88 -5.02
C4X FAD F . -19.91 -3.12 -5.65
N5 FAD F . -21.15 -2.96 -6.09
C5X FAD F . -21.85 -3.98 -6.60
C6 FAD F . -23.14 -3.71 -7.03
C7 FAD F . -23.91 -4.71 -7.58
C7M FAD F . -25.30 -4.39 -8.03
C8 FAD F . -23.34 -6.08 -7.68
C8M FAD F . -24.19 -7.15 -8.34
C9 FAD F . -22.06 -6.35 -7.24
C9A FAD F . -21.26 -5.35 -6.69
N10 FAD F . -19.90 -5.54 -6.23
C10 FAD F . -19.22 -4.42 -5.71
C1' FAD F . -19.19 -6.84 -6.24
C2' FAD F . -19.47 -7.61 -4.91
O2' FAD F . -20.86 -7.56 -4.56
C3' FAD F . -18.75 -7.12 -3.66
O3' FAD F . -17.37 -6.93 -3.95
C4' FAD F . -18.92 -8.06 -2.47
O4' FAD F . -18.98 -7.32 -1.25
C5' FAD F . -17.80 -9.08 -2.33
O5' FAD F . -18.35 -10.17 -1.60
P FAD F . -17.82 -10.58 -0.15
O1P FAD F . -18.81 -11.56 0.43
O2P FAD F . -17.56 -9.35 0.65
O3P FAD F . -16.42 -11.38 -0.36
CAI V55 G . -19.83 -2.19 -8.91
CAG V55 G . -19.72 -3.50 -9.41
CAK V55 G . -18.49 -4.15 -9.44
CAJ V55 G . -17.33 -3.49 -8.99
CAF V55 G . -17.43 -2.18 -8.50
OAB V55 G . -21.36 -0.48 -8.48
CAE V55 G . -18.68 -1.55 -8.46
CAD V55 G . -21.12 -1.60 -8.91
CAA V55 G . -19.41 -6.34 -9.85
OAH V55 G . -18.30 -5.41 -9.90
OAC V55 G . -16.16 -4.19 -9.07
#